data_6LDY
#
_entry.id   6LDY
#
_cell.length_a   41.520
_cell.length_b   76.210
_cell.length_c   79.210
_cell.angle_alpha   85.580
_cell.angle_beta   84.200
_cell.angle_gamma   76.030
#
_symmetry.space_group_name_H-M   'P 1'
#
loop_
_entity.id
_entity.type
_entity.pdbx_description
1 polymer 'Fab heavy chain'
2 polymer 'Fab light chain'
3 polymer 'Methylated peptide'
4 non-polymer 'CALCIUM ION'
5 non-polymer 'CHLORIDE ION'
6 non-polymer GLYCEROL
7 water water
#
loop_
_entity_poly.entity_id
_entity_poly.type
_entity_poly.pdbx_seq_one_letter_code
_entity_poly.pdbx_strand_id
1 'polypeptide(L)'
;QTVKESGGRLVTPGGTLTLTCTVSGFSLSRYAMSWVRQAPGEGLEYIGWINTYGSAYYASWVNGRFTISKTSTTMDLKMT
SLTAADTATYFCVRWFADGGMDPWGPGTLVTVSSGQPKAPSVFPLAPCCGDTPSSTVTLGCLVKGYLPEPVTVTWNSGTL
TNGVRTFPSVRQSSGLYSLSSVVSVTSSSQPVTCNVAHPATNTKVDKTVAPSTCSKPAAAEQKLISEEDLNSAVDHHHHH
H
;
A,H
2 'polypeptide(L)'
;ALVLTQTPSPVSAAVGGAVSISCQSSQNIYKDNELSWYQQKPGQPPKLLIYKASTLASGVPSRFSGSGSGTQFTLTISGV
QCDDAATYYCQGSRYNNGWDSGFGGGTEVVVKGDPVAPTVLIFPPSADLVATGTVTIVCVANKYFPDVTVTWEVDGTTQT
TGIENSKTPQNSADCTYNLSSTLTLTSTQYNSHKEYTCKVTQGTTSVVQSFNRGDCAAAEQKLISEEDLNSAVDHHHHHH
;
B,L
3 'polypeptide(L)' NPIFEKFG(M3L)GGTYP C,M
#
loop_
_chem_comp.id
_chem_comp.type
_chem_comp.name
_chem_comp.formula
CA non-polymer 'CALCIUM ION' 'Ca 2'
CL non-polymer 'CHLORIDE ION' 'Cl -1'
GOL non-polymer GLYCEROL 'C3 H8 O3'
#
# COMPACT_ATOMS: atom_id res chain seq x y z
N GLN A 1 13.14 -15.04 29.83
CA GLN A 1 12.34 -16.12 29.16
C GLN A 1 11.20 -15.52 28.32
N THR A 2 11.08 -15.98 27.08
CA THR A 2 10.07 -15.46 26.13
C THR A 2 9.42 -16.61 25.41
N VAL A 3 8.22 -16.34 24.93
CA VAL A 3 7.44 -17.23 24.02
C VAL A 3 6.85 -16.30 22.97
N LYS A 4 6.75 -16.80 21.75
CA LYS A 4 6.28 -16.01 20.61
C LYS A 4 5.41 -16.88 19.71
N GLU A 5 4.16 -16.45 19.47
CA GLU A 5 3.24 -17.17 18.57
C GLU A 5 3.43 -16.68 17.14
N SER A 6 3.22 -17.57 16.19
CA SER A 6 3.25 -17.28 14.74
C SER A 6 2.25 -18.18 14.00
N GLY A 7 1.81 -17.72 12.82
CA GLY A 7 0.99 -18.51 11.89
C GLY A 7 -0.40 -17.93 11.72
N GLY A 8 -0.81 -16.95 12.51
CA GLY A 8 -2.17 -16.40 12.42
C GLY A 8 -2.43 -15.72 11.08
N ARG A 9 -3.61 -15.87 10.50
CA ARG A 9 -3.92 -15.31 9.17
C ARG A 9 -5.41 -15.55 8.92
N LEU A 10 -5.88 -15.02 7.81
CA LEU A 10 -7.20 -15.31 7.25
C LEU A 10 -7.17 -16.80 6.89
N VAL A 11 -8.23 -17.54 7.24
CA VAL A 11 -8.37 -18.96 6.82
C VAL A 11 -9.83 -19.20 6.51
N THR A 12 -10.10 -19.96 5.44
CA THR A 12 -11.45 -20.27 5.01
C THR A 12 -12.12 -21.14 6.05
N PRO A 13 -13.42 -20.94 6.31
CA PRO A 13 -14.23 -21.90 7.07
C PRO A 13 -14.05 -23.32 6.51
N GLY A 14 -13.89 -24.28 7.41
CA GLY A 14 -13.63 -25.69 7.06
C GLY A 14 -12.14 -25.95 6.93
N GLY A 15 -11.34 -24.90 6.86
CA GLY A 15 -9.89 -25.02 6.60
C GLY A 15 -9.10 -25.48 7.83
N THR A 16 -7.82 -25.67 7.62
CA THR A 16 -6.83 -26.17 8.61
C THR A 16 -5.70 -25.13 8.69
N LEU A 17 -5.21 -24.88 9.91
CA LEU A 17 -4.10 -23.95 10.16
C LEU A 17 -3.24 -24.55 11.28
N THR A 18 -1.94 -24.37 11.21
CA THR A 18 -1.01 -24.75 12.29
C THR A 18 -0.33 -23.49 12.80
N LEU A 19 -0.44 -23.26 14.10
CA LEU A 19 0.25 -22.14 14.77
C LEU A 19 1.48 -22.73 15.44
N THR A 20 2.47 -21.88 15.66
CA THR A 20 3.73 -22.25 16.30
C THR A 20 3.98 -21.27 17.42
N CYS A 21 4.42 -21.82 18.53
CA CYS A 21 4.89 -21.10 19.72
C CYS A 21 6.39 -21.40 19.82
N THR A 22 7.21 -20.35 19.74
CA THR A 22 8.69 -20.48 19.78
C THR A 22 9.11 -19.98 21.14
N VAL A 23 9.88 -20.78 21.86
CA VAL A 23 10.29 -20.42 23.23
C VAL A 23 11.78 -20.09 23.20
N SER A 24 12.21 -19.31 24.21
CA SER A 24 13.65 -19.17 24.55
C SER A 24 13.83 -18.89 26.04
N GLY A 25 14.97 -19.29 26.61
CA GLY A 25 15.39 -19.06 28.01
C GLY A 25 15.01 -20.18 28.96
N PHE A 26 14.40 -21.27 28.48
CA PHE A 26 13.98 -22.40 29.34
C PHE A 26 13.79 -23.63 28.46
N SER A 27 13.87 -24.81 29.06
CA SER A 27 13.78 -26.12 28.36
C SER A 27 12.34 -26.62 28.41
N LEU A 28 11.83 -27.09 27.27
CA LEU A 28 10.51 -27.74 27.18
C LEU A 28 10.56 -29.12 27.86
N SER A 29 11.74 -29.62 28.21
CA SER A 29 11.91 -30.84 29.02
C SER A 29 11.66 -30.54 30.50
N ARG A 30 11.70 -29.28 30.90
CA ARG A 30 11.67 -28.87 32.33
C ARG A 30 10.37 -28.13 32.65
N TYR A 31 9.64 -27.65 31.65
CA TYR A 31 8.37 -26.90 31.85
C TYR A 31 7.29 -27.35 30.87
N ALA A 32 6.09 -27.42 31.41
CA ALA A 32 4.83 -27.59 30.68
C ALA A 32 4.47 -26.30 29.96
N MET A 33 3.61 -26.41 28.96
CA MET A 33 3.18 -25.28 28.11
C MET A 33 1.69 -25.43 27.90
N SER A 34 1.02 -24.33 27.60
CA SER A 34 -0.42 -24.31 27.30
C SER A 34 -0.71 -23.37 26.14
N TRP A 35 -1.79 -23.65 25.44
CA TRP A 35 -2.46 -22.75 24.50
C TRP A 35 -3.74 -22.22 25.12
N VAL A 36 -3.94 -20.90 24.97
CA VAL A 36 -5.10 -20.13 25.49
C VAL A 36 -5.58 -19.24 24.34
N ARG A 37 -6.86 -19.08 24.11
CA ARG A 37 -7.30 -18.14 23.04
C ARG A 37 -8.28 -17.13 23.62
N GLN A 38 -8.52 -16.10 22.83
CA GLN A 38 -9.45 -15.02 23.22
C GLN A 38 -10.12 -14.52 21.95
N ALA A 39 -11.41 -14.79 21.83
CA ALA A 39 -12.25 -14.21 20.76
C ALA A 39 -12.29 -12.71 21.03
N PRO A 40 -12.34 -11.90 19.95
CA PRO A 40 -12.49 -10.44 20.10
C PRO A 40 -13.61 -10.04 21.06
N GLY A 41 -13.24 -9.26 22.06
CA GLY A 41 -14.12 -8.73 23.10
C GLY A 41 -14.56 -9.77 24.11
N GLU A 42 -13.98 -10.97 24.11
CA GLU A 42 -14.41 -12.10 24.98
C GLU A 42 -13.28 -12.43 25.97
N GLY A 43 -13.51 -13.43 26.82
CA GLY A 43 -12.58 -13.82 27.88
C GLY A 43 -11.52 -14.78 27.42
N LEU A 44 -10.56 -15.05 28.29
CA LEU A 44 -9.53 -16.09 28.03
C LEU A 44 -10.22 -17.46 28.08
N GLU A 45 -9.80 -18.32 27.16
CA GLU A 45 -10.33 -19.69 27.03
C GLU A 45 -9.17 -20.68 26.93
N TYR A 46 -9.08 -21.58 27.89
CA TYR A 46 -8.06 -22.64 27.94
C TYR A 46 -8.35 -23.64 26.80
N ILE A 47 -7.33 -23.99 26.03
CA ILE A 47 -7.47 -24.95 24.90
C ILE A 47 -6.88 -26.32 25.30
N GLY A 48 -5.67 -26.30 25.80
CA GLY A 48 -4.98 -27.55 26.11
C GLY A 48 -3.60 -27.26 26.62
N TRP A 49 -2.88 -28.32 26.96
CA TRP A 49 -1.50 -28.22 27.46
C TRP A 49 -0.73 -29.47 27.02
N ILE A 50 0.57 -29.38 27.16
CA ILE A 50 1.50 -30.47 26.80
C ILE A 50 2.51 -30.56 27.95
N ASN A 51 2.67 -31.77 28.44
CA ASN A 51 3.52 -32.07 29.61
C ASN A 51 4.98 -32.16 29.13
N THR A 52 5.92 -32.31 30.07
CA THR A 52 7.36 -32.23 29.70
C THR A 52 7.72 -33.44 28.83
N TYR A 53 6.91 -34.49 28.83
CA TYR A 53 7.18 -35.73 28.04
C TYR A 53 6.46 -35.72 26.70
N GLY A 54 5.78 -34.64 26.38
CA GLY A 54 5.12 -34.50 25.06
C GLY A 54 3.73 -35.06 24.99
N SER A 55 3.13 -35.45 26.12
CA SER A 55 1.71 -35.87 26.17
C SER A 55 0.82 -34.63 26.21
N ALA A 56 -0.10 -34.48 25.24
CA ALA A 56 -0.96 -33.29 25.12
C ALA A 56 -2.32 -33.65 25.73
N TYR A 57 -2.97 -32.70 26.39
CA TYR A 57 -4.34 -32.85 26.92
C TYR A 57 -5.16 -31.65 26.52
N TYR A 58 -6.48 -31.84 26.40
CA TYR A 58 -7.37 -30.85 25.77
C TYR A 58 -8.59 -30.58 26.65
N ALA A 59 -9.04 -29.33 26.61
CA ALA A 59 -10.37 -28.89 27.04
C ALA A 59 -11.41 -29.83 26.43
N SER A 60 -12.50 -30.11 27.16
CA SER A 60 -13.51 -31.11 26.74
C SER A 60 -14.15 -30.69 25.39
N TRP A 61 -14.17 -29.41 25.02
CA TRP A 61 -14.89 -28.96 23.80
C TRP A 61 -14.03 -29.23 22.55
N VAL A 62 -12.76 -29.56 22.71
CA VAL A 62 -11.85 -29.66 21.54
C VAL A 62 -12.24 -30.86 20.67
N ASN A 63 -12.54 -32.00 21.30
CA ASN A 63 -13.12 -33.19 20.60
C ASN A 63 -12.25 -33.60 19.40
N GLY A 64 -10.93 -33.67 19.61
CA GLY A 64 -9.97 -34.16 18.61
C GLY A 64 -9.80 -33.25 17.39
N ARG A 65 -10.38 -32.05 17.39
CA ARG A 65 -10.29 -31.11 16.25
C ARG A 65 -8.90 -30.45 16.24
N PHE A 66 -8.26 -30.34 17.39
CA PHE A 66 -6.95 -29.68 17.57
C PHE A 66 -5.90 -30.68 18.07
N THR A 67 -4.64 -30.46 17.68
CA THR A 67 -3.48 -31.29 18.07
C THR A 67 -2.36 -30.37 18.57
N ILE A 68 -1.83 -30.67 19.75
CA ILE A 68 -0.67 -29.94 20.33
C ILE A 68 0.49 -30.89 20.34
N SER A 69 1.64 -30.43 19.86
CA SER A 69 2.86 -31.24 19.71
C SER A 69 4.03 -30.32 20.00
N LYS A 70 5.21 -30.88 20.30
CA LYS A 70 6.39 -30.00 20.45
C LYS A 70 7.64 -30.58 19.78
N THR A 71 8.64 -29.70 19.71
CA THR A 71 10.05 -30.00 19.40
C THR A 71 10.85 -29.61 20.64
N SER A 72 12.14 -29.33 20.45
CA SER A 72 13.08 -28.90 21.50
C SER A 72 12.79 -27.45 21.89
N THR A 73 12.33 -26.65 20.94
CA THR A 73 12.23 -25.19 21.13
C THR A 73 10.88 -24.65 20.67
N THR A 74 9.98 -25.48 20.12
CA THR A 74 8.68 -25.01 19.61
C THR A 74 7.56 -25.91 20.12
N MET A 75 6.39 -25.35 20.14
CA MET A 75 5.13 -26.09 20.35
C MET A 75 4.18 -25.65 19.26
N ASP A 76 3.47 -26.59 18.67
CA ASP A 76 2.47 -26.29 17.62
C ASP A 76 1.05 -26.44 18.17
N LEU A 77 0.11 -25.82 17.46
CA LEU A 77 -1.33 -26.08 17.60
C LEU A 77 -1.89 -26.24 16.20
N LYS A 78 -2.22 -27.49 15.83
CA LYS A 78 -2.84 -27.75 14.53
C LYS A 78 -4.35 -27.75 14.75
N MET A 79 -5.07 -26.94 14.00
CA MET A 79 -6.53 -26.77 14.15
C MET A 79 -7.20 -27.12 12.82
N THR A 80 -8.22 -27.98 12.86
CA THR A 80 -8.98 -28.46 11.67
C THR A 80 -10.42 -27.96 11.74
N SER A 81 -11.12 -27.99 10.62
CA SER A 81 -12.57 -27.72 10.52
C SER A 81 -12.87 -26.37 11.19
N LEU A 82 -12.10 -25.36 10.87
CA LEU A 82 -12.19 -24.03 11.53
C LEU A 82 -13.51 -23.37 11.15
N THR A 83 -14.17 -22.72 12.12
CA THR A 83 -15.37 -21.88 11.89
C THR A 83 -15.12 -20.52 12.51
N ALA A 84 -16.08 -19.61 12.34
CA ALA A 84 -16.04 -18.24 12.91
C ALA A 84 -15.94 -18.30 14.45
N ALA A 85 -16.36 -19.39 15.10
CA ALA A 85 -16.27 -19.59 16.56
C ALA A 85 -14.81 -19.72 16.97
N ASP A 86 -13.90 -19.97 16.00
CA ASP A 86 -12.46 -20.15 16.27
C ASP A 86 -11.67 -18.86 15.97
N THR A 87 -12.34 -17.83 15.47
CA THR A 87 -11.68 -16.50 15.27
C THR A 87 -11.27 -15.98 16.67
N ALA A 88 -9.99 -15.70 16.86
CA ALA A 88 -9.44 -15.35 18.17
C ALA A 88 -7.98 -14.99 18.07
N THR A 89 -7.48 -14.30 19.09
CA THR A 89 -6.06 -14.26 19.41
C THR A 89 -5.69 -15.55 20.15
N TYR A 90 -4.64 -16.22 19.68
CA TYR A 90 -4.09 -17.48 20.26
C TYR A 90 -2.78 -17.11 20.92
N PHE A 91 -2.68 -17.47 22.19
CA PHE A 91 -1.52 -17.23 23.05
C PHE A 91 -0.93 -18.58 23.45
N CYS A 92 0.38 -18.65 23.51
CA CYS A 92 1.04 -19.75 24.24
C CYS A 92 1.63 -19.20 25.53
N VAL A 93 1.67 -20.04 26.55
CA VAL A 93 2.18 -19.72 27.90
C VAL A 93 3.00 -20.88 28.40
N ARG A 94 4.07 -20.58 29.11
CA ARG A 94 4.69 -21.58 30.01
C ARG A 94 3.80 -21.70 31.24
N TRP A 95 3.49 -22.94 31.62
CA TRP A 95 2.58 -23.26 32.72
C TRP A 95 3.38 -23.94 33.83
N PHE A 96 3.76 -23.16 34.84
CA PHE A 96 4.51 -23.66 36.01
C PHE A 96 3.75 -24.79 36.71
N ALA A 97 4.45 -25.71 37.35
CA ALA A 97 3.88 -26.87 38.07
C ALA A 97 2.79 -26.39 39.04
N ASP A 98 3.05 -25.29 39.75
CA ASP A 98 2.17 -24.76 40.84
C ASP A 98 1.18 -23.71 40.27
N GLY A 99 1.03 -23.63 38.95
CA GLY A 99 -0.22 -23.18 38.29
C GLY A 99 -0.07 -21.85 37.59
N GLY A 100 0.97 -21.10 37.88
CA GLY A 100 1.13 -19.79 37.24
C GLY A 100 1.43 -19.96 35.76
N MET A 101 0.73 -19.19 34.91
CA MET A 101 1.02 -19.07 33.49
C MET A 101 1.86 -17.83 33.22
N ASP A 102 3.11 -18.05 32.83
CA ASP A 102 4.11 -16.96 32.69
C ASP A 102 5.41 -17.49 32.09
N PRO A 103 5.96 -16.86 31.04
CA PRO A 103 5.35 -15.73 30.36
C PRO A 103 4.26 -16.07 29.34
N TRP A 104 3.61 -15.04 28.81
CA TRP A 104 2.61 -15.10 27.72
C TRP A 104 3.29 -14.54 26.48
N GLY A 105 2.89 -14.97 25.30
CA GLY A 105 3.37 -14.29 24.08
C GLY A 105 2.52 -13.08 23.76
N PRO A 106 2.84 -12.34 22.66
CA PRO A 106 1.99 -11.26 22.15
C PRO A 106 0.68 -11.75 21.56
N GLY A 107 0.62 -13.02 21.15
CA GLY A 107 -0.59 -13.58 20.53
C GLY A 107 -0.50 -13.52 19.02
N THR A 108 -1.19 -14.44 18.37
CA THR A 108 -1.28 -14.44 16.90
C THR A 108 -2.77 -14.49 16.61
N LEU A 109 -3.25 -13.71 15.65
CA LEU A 109 -4.69 -13.63 15.34
C LEU A 109 -5.05 -14.63 14.25
N VAL A 110 -6.07 -15.46 14.51
CA VAL A 110 -6.68 -16.33 13.49
C VAL A 110 -8.02 -15.72 13.11
N THR A 111 -8.19 -15.40 11.82
CA THR A 111 -9.45 -14.83 11.33
C THR A 111 -10.09 -15.85 10.39
N VAL A 112 -11.16 -16.51 10.83
CA VAL A 112 -11.83 -17.54 10.00
C VAL A 112 -12.90 -16.81 9.20
N SER A 113 -12.62 -16.59 7.92
CA SER A 113 -13.49 -15.80 7.02
C SER A 113 -13.29 -16.32 5.59
N SER A 114 -14.32 -16.19 4.75
CA SER A 114 -14.25 -16.50 3.30
C SER A 114 -13.55 -15.38 2.53
N GLY A 115 -13.47 -14.16 3.05
CA GLY A 115 -12.89 -13.04 2.27
C GLY A 115 -11.42 -13.22 1.93
N GLN A 116 -10.86 -12.36 1.09
CA GLN A 116 -9.44 -12.38 0.68
C GLN A 116 -8.74 -11.29 1.47
N PRO A 117 -7.41 -11.38 1.73
CA PRO A 117 -6.67 -10.28 2.31
C PRO A 117 -6.91 -9.04 1.46
N LYS A 118 -7.08 -7.91 2.14
CA LYS A 118 -7.39 -6.64 1.46
C LYS A 118 -6.68 -5.49 2.16
N ALA A 119 -5.94 -4.68 1.38
CA ALA A 119 -5.20 -3.53 1.91
C ALA A 119 -6.14 -2.39 2.29
N PRO A 120 -5.73 -1.59 3.29
CA PRO A 120 -6.52 -0.44 3.72
C PRO A 120 -6.47 0.73 2.73
N SER A 121 -7.56 1.47 2.67
CA SER A 121 -7.64 2.79 2.01
C SER A 121 -7.58 3.84 3.11
N VAL A 122 -6.89 4.94 2.89
CA VAL A 122 -6.67 5.96 3.93
C VAL A 122 -7.19 7.30 3.45
N PHE A 123 -7.99 7.95 4.29
CA PHE A 123 -8.65 9.23 3.96
C PHE A 123 -8.30 10.27 5.02
N PRO A 124 -8.05 11.51 4.64
CA PRO A 124 -7.73 12.58 5.58
C PRO A 124 -8.97 13.00 6.38
N LEU A 125 -8.74 13.29 7.65
CA LEU A 125 -9.69 13.94 8.59
C LEU A 125 -9.17 15.35 8.89
N ALA A 126 -9.95 16.32 8.45
CA ALA A 126 -9.67 17.73 8.71
C ALA A 126 -10.99 18.42 9.00
N PRO A 127 -10.92 19.44 9.85
CA PRO A 127 -12.12 20.18 10.22
C PRO A 127 -12.70 20.87 8.98
N CYS A 128 -14.01 21.08 9.01
CA CYS A 128 -14.75 21.81 7.98
C CYS A 128 -14.03 23.13 7.66
N CYS A 129 -13.68 23.34 6.38
CA CYS A 129 -12.87 24.48 5.84
C CYS A 129 -13.39 25.84 6.30
N GLY A 130 -14.69 25.98 6.61
CA GLY A 130 -15.34 27.26 6.95
C GLY A 130 -15.20 27.63 8.42
N ASP A 131 -14.84 26.66 9.25
CA ASP A 131 -14.58 26.86 10.70
C ASP A 131 -13.53 27.96 10.86
N THR A 132 -13.74 28.92 11.78
CA THR A 132 -12.68 29.88 12.21
C THR A 132 -11.51 29.05 12.74
N PRO A 133 -10.26 29.35 12.32
CA PRO A 133 -9.10 28.71 12.94
C PRO A 133 -8.92 29.20 14.38
N SER A 134 -8.38 28.33 15.24
CA SER A 134 -7.79 28.66 16.56
C SER A 134 -6.28 28.41 16.49
N SER A 135 -5.56 28.56 17.59
CA SER A 135 -4.08 28.38 17.66
C SER A 135 -3.72 26.91 17.37
N THR A 136 -4.62 25.96 17.63
CA THR A 136 -4.32 24.52 17.43
C THR A 136 -5.41 23.86 16.58
N VAL A 137 -5.02 22.79 15.89
CA VAL A 137 -5.96 22.06 15.00
C VAL A 137 -5.74 20.57 15.24
N THR A 138 -6.81 19.78 15.20
CA THR A 138 -6.73 18.32 15.26
C THR A 138 -6.98 17.78 13.86
N LEU A 139 -6.01 17.01 13.38
CA LEU A 139 -6.05 16.36 12.04
C LEU A 139 -6.07 14.87 12.26
N GLY A 140 -6.36 14.11 11.24
CA GLY A 140 -6.40 12.66 11.40
C GLY A 140 -6.36 11.91 10.09
N CYS A 141 -6.35 10.60 10.23
CA CYS A 141 -6.51 9.65 9.12
C CYS A 141 -7.56 8.62 9.47
N LEU A 142 -8.49 8.40 8.55
CA LEU A 142 -9.44 7.29 8.60
C LEU A 142 -8.87 6.13 7.78
N VAL A 143 -8.75 4.97 8.38
CA VAL A 143 -8.17 3.80 7.69
C VAL A 143 -9.34 2.82 7.51
N LYS A 144 -9.72 2.45 6.29
CA LYS A 144 -10.86 1.53 6.19
C LYS A 144 -10.64 0.46 5.11
N GLY A 145 -11.48 -0.55 5.18
CA GLY A 145 -11.58 -1.54 4.11
C GLY A 145 -10.49 -2.57 4.15
N TYR A 146 -9.89 -2.86 5.32
CA TYR A 146 -8.80 -3.85 5.43
C TYR A 146 -9.28 -5.16 6.05
N LEU A 147 -8.55 -6.22 5.69
CA LEU A 147 -8.80 -7.61 6.19
C LEU A 147 -7.52 -8.41 5.96
N PRO A 148 -7.06 -9.23 6.93
CA PRO A 148 -7.52 -9.22 8.31
C PRO A 148 -6.91 -8.03 9.08
N GLU A 149 -7.26 -7.89 10.36
CA GLU A 149 -6.46 -7.12 11.34
C GLU A 149 -5.12 -7.76 11.51
N PRO A 150 -4.11 -7.02 11.98
CA PRO A 150 -4.22 -5.60 12.30
C PRO A 150 -3.60 -4.61 11.28
N VAL A 151 -3.78 -3.32 11.54
CA VAL A 151 -2.94 -2.27 10.92
C VAL A 151 -2.18 -1.59 12.05
N THR A 152 -1.07 -0.97 11.72
CA THR A 152 -0.33 -0.02 12.58
C THR A 152 -0.40 1.39 11.97
N VAL A 153 -0.42 2.39 12.84
CA VAL A 153 -0.44 3.82 12.45
C VAL A 153 0.66 4.51 13.25
N THR A 154 1.47 5.27 12.57
CA THR A 154 2.44 6.21 13.18
C THR A 154 2.23 7.54 12.52
N TRP A 155 2.81 8.57 13.09
CA TRP A 155 2.79 9.93 12.52
C TRP A 155 4.21 10.38 12.31
N ASN A 156 4.45 11.02 11.16
CA ASN A 156 5.76 11.60 10.77
C ASN A 156 6.81 10.54 10.98
N SER A 157 6.56 9.31 10.54
CA SER A 157 7.54 8.19 10.55
C SER A 157 7.98 7.90 12.00
N GLY A 158 7.03 7.93 12.93
CA GLY A 158 7.26 7.60 14.34
C GLY A 158 7.91 8.73 15.12
N THR A 159 8.03 9.95 14.60
CA THR A 159 8.64 11.13 15.29
C THR A 159 7.58 12.07 15.89
N LEU A 160 6.31 11.86 15.57
CA LEU A 160 5.21 12.68 16.17
C LEU A 160 4.35 11.76 17.02
N THR A 161 4.37 11.90 18.36
CA THR A 161 3.62 10.98 19.25
C THR A 161 2.76 11.76 20.24
N ASN A 162 3.12 12.99 20.54
CA ASN A 162 2.40 13.80 21.53
C ASN A 162 1.06 14.25 20.93
N GLY A 163 -0.02 13.93 21.63
CA GLY A 163 -1.35 14.43 21.27
C GLY A 163 -1.93 13.54 20.19
N VAL A 164 -1.40 12.28 20.05
CA VAL A 164 -1.90 11.24 19.09
C VAL A 164 -2.88 10.32 19.82
N ARG A 165 -4.07 10.14 19.26
CA ARG A 165 -5.03 9.12 19.74
C ARG A 165 -5.40 8.20 18.58
N THR A 166 -5.13 6.92 18.72
CA THR A 166 -5.41 5.92 17.68
C THR A 166 -6.40 4.94 18.27
N PHE A 167 -7.57 4.85 17.66
CA PHE A 167 -8.70 4.17 18.29
C PHE A 167 -8.65 2.70 17.99
N PRO A 168 -9.27 1.86 18.83
CA PRO A 168 -9.36 0.45 18.48
C PRO A 168 -10.14 0.29 17.16
N SER A 169 -9.73 -0.70 16.37
CA SER A 169 -10.39 -1.13 15.12
C SER A 169 -11.83 -1.52 15.42
N VAL A 170 -12.70 -1.35 14.45
CA VAL A 170 -14.09 -1.84 14.43
C VAL A 170 -14.27 -2.64 13.14
N ARG A 171 -14.99 -3.75 13.17
CA ARG A 171 -15.44 -4.46 11.95
C ARG A 171 -16.72 -3.84 11.43
N GLN A 172 -16.72 -3.35 10.18
CA GLN A 172 -17.87 -2.66 9.56
C GLN A 172 -18.82 -3.73 9.07
N SER A 173 -20.02 -3.33 8.71
CA SER A 173 -21.09 -4.26 8.24
C SER A 173 -20.62 -4.96 6.97
N SER A 174 -19.74 -4.30 6.18
CA SER A 174 -19.03 -4.88 5.01
C SER A 174 -18.22 -6.12 5.39
N GLY A 175 -17.88 -6.34 6.65
CA GLY A 175 -16.95 -7.40 7.07
C GLY A 175 -15.49 -6.92 7.08
N LEU A 176 -15.19 -5.73 6.58
CA LEU A 176 -13.81 -5.21 6.58
C LEU A 176 -13.60 -4.37 7.85
N TYR A 177 -12.37 -4.10 8.20
CA TYR A 177 -12.05 -3.31 9.40
C TYR A 177 -11.77 -1.85 9.09
N SER A 178 -11.94 -1.01 10.12
CA SER A 178 -11.77 0.45 10.03
C SER A 178 -11.24 0.97 11.37
N LEU A 179 -10.36 1.98 11.32
CA LEU A 179 -10.04 2.72 12.53
C LEU A 179 -9.63 4.13 12.17
N SER A 180 -9.63 5.02 13.15
CA SER A 180 -9.13 6.39 12.91
CA SER A 180 -9.18 6.41 12.98
C SER A 180 -7.96 6.65 13.87
N SER A 181 -7.15 7.59 13.49
CA SER A 181 -6.06 8.14 14.32
C SER A 181 -6.09 9.65 14.19
N VAL A 182 -6.04 10.39 15.29
CA VAL A 182 -6.03 11.87 15.21
C VAL A 182 -4.82 12.37 16.02
N VAL A 183 -4.40 13.56 15.69
CA VAL A 183 -3.26 14.22 16.37
C VAL A 183 -3.55 15.70 16.45
N SER A 184 -3.25 16.33 17.58
CA SER A 184 -3.44 17.80 17.75
C SER A 184 -2.10 18.49 17.54
N VAL A 185 -2.05 19.51 16.69
CA VAL A 185 -0.83 20.30 16.36
C VAL A 185 -1.14 21.81 16.42
N THR A 186 -0.09 22.64 16.47
CA THR A 186 -0.23 24.12 16.40
C THR A 186 -0.71 24.41 14.99
N SER A 187 -1.65 25.34 14.82
CA SER A 187 -2.34 25.66 13.54
C SER A 187 -1.34 26.00 12.42
N SER A 188 -0.15 26.52 12.74
CA SER A 188 0.91 26.90 11.77
C SER A 188 2.04 25.86 11.73
N SER A 189 1.86 24.69 12.37
CA SER A 189 2.72 23.50 12.21
C SER A 189 2.84 23.14 10.72
N GLN A 190 3.94 22.49 10.34
CA GLN A 190 4.11 21.87 8.98
C GLN A 190 3.06 20.77 8.85
N PRO A 191 2.62 20.38 7.62
CA PRO A 191 1.74 19.22 7.46
C PRO A 191 2.34 17.97 8.13
N VAL A 192 1.43 17.13 8.56
CA VAL A 192 1.67 15.91 9.35
C VAL A 192 1.27 14.78 8.42
N THR A 193 1.94 13.67 8.54
CA THR A 193 1.74 12.50 7.66
C THR A 193 1.42 11.31 8.53
N CYS A 194 0.32 10.64 8.24
CA CYS A 194 0.04 9.35 8.91
C CYS A 194 0.69 8.25 8.08
N ASN A 195 1.31 7.30 8.76
CA ASN A 195 1.96 6.13 8.11
C ASN A 195 1.19 4.89 8.50
N VAL A 196 0.47 4.30 7.55
CA VAL A 196 -0.36 3.11 7.84
C VAL A 196 0.35 1.88 7.28
N ALA A 197 0.46 0.82 8.07
CA ALA A 197 1.04 -0.45 7.59
C ALA A 197 0.05 -1.56 7.79
N HIS A 198 -0.03 -2.45 6.81
CA HIS A 198 -0.91 -3.63 6.88
C HIS A 198 -0.09 -4.87 6.58
N PRO A 199 0.43 -5.55 7.62
CA PRO A 199 1.33 -6.68 7.41
C PRO A 199 0.77 -7.76 6.47
N ALA A 200 -0.49 -8.11 6.58
CA ALA A 200 -1.13 -9.20 5.80
C ALA A 200 -0.97 -8.98 4.30
N THR A 201 -0.96 -7.74 3.84
CA THR A 201 -0.77 -7.45 2.41
C THR A 201 0.60 -6.80 2.15
N ASN A 202 1.46 -6.67 3.15
CA ASN A 202 2.78 -6.00 2.98
C ASN A 202 2.56 -4.64 2.30
N THR A 203 1.52 -3.93 2.71
CA THR A 203 1.11 -2.61 2.20
C THR A 203 1.44 -1.51 3.23
N LYS A 204 2.02 -0.43 2.76
CA LYS A 204 2.23 0.81 3.50
C LYS A 204 1.57 1.95 2.76
N VAL A 205 0.82 2.76 3.49
CA VAL A 205 0.20 3.97 2.89
C VAL A 205 0.58 5.19 3.72
N ASP A 206 1.04 6.28 3.11
CA ASP A 206 1.24 7.58 3.76
C ASP A 206 0.12 8.52 3.35
N LYS A 207 -0.33 9.35 4.25
CA LYS A 207 -1.27 10.40 3.84
C LYS A 207 -0.87 11.65 4.60
N THR A 208 -0.58 12.70 3.86
CA THR A 208 -0.21 14.03 4.37
C THR A 208 -1.51 14.81 4.53
N VAL A 209 -1.78 15.28 5.75
CA VAL A 209 -3.02 16.00 6.08
C VAL A 209 -2.68 17.44 6.46
N ALA A 210 -3.38 18.42 5.92
CA ALA A 210 -3.20 19.86 6.24
C ALA A 210 -4.56 20.48 6.59
N PRO A 211 -4.56 21.52 7.43
CA PRO A 211 -5.78 22.29 7.69
C PRO A 211 -6.49 22.58 6.36
N SER A 212 -7.80 22.40 6.36
CA SER A 212 -8.68 22.58 5.18
C SER A 212 -8.65 24.06 4.75
N ALA B 1 -17.29 -31.08 35.77
CA ALA B 1 -16.49 -30.07 34.99
C ALA B 1 -16.26 -28.82 35.85
N LEU B 2 -14.99 -28.41 35.97
CA LEU B 2 -14.55 -27.21 36.72
C LEU B 2 -15.08 -25.95 36.05
N VAL B 3 -15.87 -25.15 36.77
CA VAL B 3 -16.37 -23.83 36.29
C VAL B 3 -15.94 -22.79 37.31
N LEU B 4 -15.28 -21.73 36.82
CA LEU B 4 -14.83 -20.59 37.66
C LEU B 4 -15.71 -19.38 37.33
N THR B 5 -16.35 -18.79 38.34
CA THR B 5 -17.30 -17.67 38.18
C THR B 5 -16.77 -16.44 38.92
N GLN B 6 -16.65 -15.31 38.19
CA GLN B 6 -16.08 -14.06 38.73
C GLN B 6 -17.21 -13.06 38.92
N THR B 7 -16.96 -12.11 39.82
CA THR B 7 -17.80 -10.92 40.01
C THR B 7 -18.15 -10.36 38.63
N PRO B 8 -19.45 -10.08 38.36
CA PRO B 8 -19.83 -9.44 37.10
C PRO B 8 -19.16 -8.06 36.89
N SER B 9 -18.82 -7.80 35.64
CA SER B 9 -18.28 -6.53 35.10
C SER B 9 -19.41 -5.51 35.01
N PRO B 10 -19.14 -4.21 35.20
CA PRO B 10 -17.86 -3.73 35.67
C PRO B 10 -17.89 -3.56 37.20
N VAL B 11 -16.71 -3.54 37.80
CA VAL B 11 -16.50 -3.14 39.21
C VAL B 11 -15.81 -1.79 39.21
N SER B 12 -16.24 -0.84 40.05
CA SER B 12 -15.64 0.52 40.11
C SER B 12 -14.83 0.68 41.39
N ALA B 13 -13.86 1.56 41.36
CA ALA B 13 -13.18 2.07 42.57
C ALA B 13 -12.64 3.46 42.27
N ALA B 14 -12.75 4.36 43.25
CA ALA B 14 -12.08 5.67 43.23
C ALA B 14 -10.55 5.42 43.34
N VAL B 15 -9.79 6.24 42.65
CA VAL B 15 -8.32 6.33 42.83
C VAL B 15 -8.05 6.44 44.35
N GLY B 16 -7.11 5.65 44.82
CA GLY B 16 -6.64 5.66 46.22
C GLY B 16 -7.49 4.76 47.08
N GLY B 17 -8.63 4.30 46.59
CA GLY B 17 -9.52 3.37 47.29
C GLY B 17 -9.14 1.93 47.04
N ALA B 18 -10.05 1.01 47.36
CA ALA B 18 -9.82 -0.45 47.33
C ALA B 18 -10.95 -1.12 46.55
N VAL B 19 -10.58 -2.18 45.86
CA VAL B 19 -11.56 -3.00 45.13
C VAL B 19 -11.18 -4.46 45.36
N SER B 20 -12.21 -5.28 45.46
CA SER B 20 -12.14 -6.76 45.62
C SER B 20 -12.92 -7.42 44.48
N ILE B 21 -12.32 -8.44 43.87
CA ILE B 21 -12.91 -9.30 42.82
C ILE B 21 -12.93 -10.73 43.36
N SER B 22 -14.07 -11.36 43.23
CA SER B 22 -14.28 -12.77 43.61
C SER B 22 -14.05 -13.69 42.42
N CYS B 23 -13.58 -14.89 42.78
CA CYS B 23 -13.49 -16.05 41.88
C CYS B 23 -13.99 -17.24 42.69
N GLN B 24 -15.12 -17.81 42.30
CA GLN B 24 -15.73 -19.00 42.94
C GLN B 24 -15.54 -20.22 42.04
N SER B 25 -14.95 -21.32 42.55
CA SER B 25 -14.78 -22.56 41.77
C SER B 25 -15.93 -23.51 42.10
N SER B 26 -16.45 -24.19 41.07
CA SER B 26 -17.53 -25.19 41.21
C SER B 26 -17.03 -26.42 42.00
N GLN B 27 -15.72 -26.60 42.08
CA GLN B 27 -15.07 -27.73 42.79
C GLN B 27 -13.86 -27.20 43.57
N ASN B 28 -13.43 -27.91 44.61
CA ASN B 28 -12.18 -27.55 45.33
C ASN B 28 -11.02 -27.54 44.34
N ILE B 29 -10.22 -26.48 44.39
CA ILE B 29 -9.01 -26.30 43.56
C ILE B 29 -7.93 -27.22 44.16
N TYR B 30 -7.00 -27.67 43.32
CA TYR B 30 -5.88 -28.55 43.75
C TYR B 30 -5.06 -27.90 44.89
N LYS B 31 -4.78 -28.71 45.92
CA LYS B 31 -4.08 -28.29 47.17
C LYS B 31 -4.86 -27.16 47.88
N ASP B 32 -6.13 -26.95 47.50
CA ASP B 32 -7.01 -25.82 47.93
C ASP B 32 -6.51 -24.44 47.51
N ASN B 33 -5.39 -24.33 46.80
CA ASN B 33 -4.79 -22.98 46.59
C ASN B 33 -4.19 -22.79 45.19
N GLU B 34 -4.26 -23.76 44.26
CA GLU B 34 -3.68 -23.62 42.89
C GLU B 34 -4.58 -22.74 42.02
N LEU B 35 -4.70 -21.47 42.41
CA LEU B 35 -5.57 -20.47 41.78
C LEU B 35 -4.65 -19.32 41.46
N SER B 36 -4.66 -18.84 40.22
CA SER B 36 -3.82 -17.67 39.86
C SER B 36 -4.68 -16.57 39.27
N TRP B 37 -4.12 -15.36 39.36
CA TRP B 37 -4.77 -14.10 38.95
C TRP B 37 -3.91 -13.42 37.91
N TYR B 38 -4.59 -12.86 36.91
CA TYR B 38 -4.01 -12.23 35.71
C TYR B 38 -4.64 -10.85 35.52
N GLN B 39 -3.82 -9.91 35.10
CA GLN B 39 -4.27 -8.58 34.67
C GLN B 39 -4.18 -8.53 33.15
N GLN B 40 -5.22 -8.05 32.47
CA GLN B 40 -5.13 -7.84 31.00
C GLN B 40 -5.65 -6.45 30.67
N LYS B 41 -4.78 -5.65 30.07
CA LYS B 41 -5.16 -4.37 29.44
C LYS B 41 -5.52 -4.59 27.98
N PRO B 42 -6.44 -3.81 27.38
CA PRO B 42 -6.81 -4.03 25.99
C PRO B 42 -5.63 -4.00 25.01
N GLY B 43 -5.56 -4.99 24.12
CA GLY B 43 -4.51 -5.13 23.09
C GLY B 43 -3.21 -5.68 23.61
N GLN B 44 -3.10 -6.00 24.92
CA GLN B 44 -1.85 -6.55 25.51
CA GLN B 44 -1.85 -6.57 25.50
C GLN B 44 -2.09 -8.01 25.93
N PRO B 45 -1.03 -8.83 26.04
CA PRO B 45 -1.18 -10.14 26.66
C PRO B 45 -1.57 -10.01 28.14
N PRO B 46 -2.16 -11.06 28.74
CA PRO B 46 -2.31 -11.11 30.19
C PRO B 46 -0.94 -11.07 30.87
N LYS B 47 -0.95 -10.63 32.11
CA LYS B 47 0.22 -10.59 33.02
C LYS B 47 -0.14 -11.36 34.29
N LEU B 48 0.70 -12.30 34.69
CA LEU B 48 0.52 -13.04 35.97
C LEU B 48 0.71 -12.04 37.12
N LEU B 49 -0.28 -11.95 38.01
CA LEU B 49 -0.16 -11.13 39.26
C LEU B 49 0.20 -12.01 40.43
N ILE B 50 -0.63 -13.04 40.67
CA ILE B 50 -0.64 -13.91 41.87
C ILE B 50 -0.76 -15.37 41.43
N TYR B 51 0.01 -16.26 42.06
CA TYR B 51 -0.18 -17.73 41.93
C TYR B 51 -0.32 -18.32 43.32
N LYS B 52 -0.84 -19.53 43.39
CA LYS B 52 -1.11 -20.26 44.66
C LYS B 52 -1.96 -19.36 45.58
N ALA B 53 -2.98 -18.69 45.01
CA ALA B 53 -4.04 -17.93 45.73
C ALA B 53 -3.50 -16.58 46.27
N SER B 54 -2.28 -16.55 46.84
CA SER B 54 -1.79 -15.37 47.61
C SER B 54 -0.32 -15.00 47.37
N THR B 55 0.44 -15.71 46.53
CA THR B 55 1.86 -15.34 46.27
C THR B 55 1.97 -14.40 45.07
N LEU B 56 2.55 -13.21 45.26
CA LEU B 56 2.78 -12.26 44.14
C LEU B 56 3.91 -12.78 43.26
N ALA B 57 3.74 -12.70 41.96
CA ALA B 57 4.81 -12.86 40.96
C ALA B 57 5.86 -11.76 41.11
N SER B 58 7.05 -12.01 40.59
CA SER B 58 8.18 -11.05 40.55
C SER B 58 7.71 -9.70 40.00
N GLY B 59 8.01 -8.63 40.74
CA GLY B 59 7.85 -7.25 40.24
C GLY B 59 6.45 -6.70 40.41
N VAL B 60 5.49 -7.49 40.91
CA VAL B 60 4.07 -7.06 41.02
C VAL B 60 3.95 -6.15 42.26
N PRO B 61 3.32 -4.96 42.11
CA PRO B 61 3.13 -4.04 43.25
C PRO B 61 2.39 -4.65 44.44
N SER B 62 2.82 -4.37 45.67
CA SER B 62 2.21 -5.01 46.87
C SER B 62 0.80 -4.44 47.11
N ARG B 63 0.32 -3.50 46.30
CA ARG B 63 -1.11 -3.08 46.40
C ARG B 63 -2.06 -4.19 45.90
N PHE B 64 -1.52 -5.21 45.24
CA PHE B 64 -2.24 -6.45 44.86
C PHE B 64 -2.02 -7.49 45.96
N SER B 65 -3.11 -8.10 46.40
CA SER B 65 -3.07 -9.21 47.36
C SER B 65 -4.18 -10.19 46.97
N GLY B 66 -3.94 -11.46 47.26
CA GLY B 66 -4.88 -12.54 47.00
C GLY B 66 -5.10 -13.33 48.27
N SER B 67 -6.32 -13.81 48.44
CA SER B 67 -6.75 -14.55 49.63
C SER B 67 -7.79 -15.57 49.20
N GLY B 68 -8.07 -16.51 50.07
CA GLY B 68 -9.01 -17.59 49.85
C GLY B 68 -8.29 -18.93 49.80
N SER B 69 -9.08 -19.97 49.94
CA SER B 69 -8.64 -21.37 49.92
C SER B 69 -9.89 -22.18 49.51
N GLY B 70 -9.68 -23.35 48.89
CA GLY B 70 -10.79 -24.27 48.58
C GLY B 70 -11.52 -23.85 47.33
N THR B 71 -12.54 -22.99 47.48
CA THR B 71 -13.48 -22.66 46.39
C THR B 71 -13.75 -21.17 46.27
N GLN B 72 -13.33 -20.35 47.23
CA GLN B 72 -13.73 -18.93 47.25
C GLN B 72 -12.47 -18.06 47.36
N PHE B 73 -12.17 -17.32 46.30
CA PHE B 73 -10.89 -16.59 46.14
C PHE B 73 -11.22 -15.13 45.87
N THR B 74 -10.32 -14.27 46.33
CA THR B 74 -10.49 -12.81 46.24
C THR B 74 -9.17 -12.20 45.84
N LEU B 75 -9.25 -11.32 44.84
CA LEU B 75 -8.15 -10.41 44.47
C LEU B 75 -8.54 -9.05 45.03
N THR B 76 -7.62 -8.39 45.73
CA THR B 76 -7.86 -7.05 46.31
C THR B 76 -6.79 -6.11 45.77
N ILE B 77 -7.19 -4.93 45.33
CA ILE B 77 -6.27 -3.86 44.93
C ILE B 77 -6.46 -2.74 45.94
N SER B 78 -5.39 -2.44 46.68
CA SER B 78 -5.33 -1.35 47.69
C SER B 78 -4.66 -0.11 47.11
N GLY B 79 -5.20 1.07 47.34
CA GLY B 79 -4.61 2.30 46.75
C GLY B 79 -4.63 2.23 45.23
N VAL B 80 -5.82 1.96 44.69
CA VAL B 80 -6.06 1.79 43.22
C VAL B 80 -5.53 3.00 42.46
N GLN B 81 -4.82 2.75 41.36
CA GLN B 81 -4.31 3.81 40.50
C GLN B 81 -5.03 3.64 39.15
N CYS B 82 -5.05 4.69 38.37
CA CYS B 82 -5.54 4.67 36.97
C CYS B 82 -4.82 3.54 36.17
N ASP B 83 -3.54 3.30 36.45
CA ASP B 83 -2.74 2.26 35.76
C ASP B 83 -3.27 0.86 36.08
N ASP B 84 -4.15 0.69 37.07
CA ASP B 84 -4.76 -0.61 37.44
C ASP B 84 -6.04 -0.85 36.62
N ALA B 85 -6.49 0.08 35.79
CA ALA B 85 -7.71 -0.13 35.00
C ALA B 85 -7.40 -1.27 34.01
N ALA B 86 -8.20 -2.33 34.02
CA ALA B 86 -7.88 -3.60 33.33
C ALA B 86 -9.03 -4.59 33.49
N THR B 87 -8.93 -5.69 32.78
CA THR B 87 -9.75 -6.89 33.03
C THR B 87 -8.90 -7.89 33.80
N TYR B 88 -9.45 -8.44 34.86
CA TYR B 88 -8.78 -9.39 35.77
C TYR B 88 -9.43 -10.77 35.62
N TYR B 89 -8.59 -11.80 35.50
CA TYR B 89 -8.97 -13.20 35.27
C TYR B 89 -8.37 -14.05 36.37
N CYS B 90 -9.16 -14.94 36.93
CA CYS B 90 -8.62 -16.09 37.70
C CYS B 90 -8.51 -17.32 36.79
N GLN B 91 -7.62 -18.22 37.19
CA GLN B 91 -7.34 -19.49 36.50
C GLN B 91 -7.07 -20.56 37.57
N GLY B 92 -7.81 -21.63 37.50
CA GLY B 92 -7.59 -22.73 38.47
C GLY B 92 -7.63 -24.11 37.85
N SER B 93 -7.05 -25.05 38.58
CA SER B 93 -6.94 -26.47 38.21
C SER B 93 -7.42 -27.32 39.38
N ARG B 94 -8.00 -28.47 39.08
CA ARG B 94 -8.21 -29.57 40.05
C ARG B 94 -7.75 -30.85 39.36
N TYR B 95 -7.36 -31.82 40.16
CA TYR B 95 -6.93 -33.13 39.62
C TYR B 95 -8.14 -34.07 39.69
N ASN B 96 -8.70 -34.43 38.54
CA ASN B 96 -9.70 -35.51 38.36
C ASN B 96 -9.18 -36.46 37.27
N ASN B 97 -8.40 -37.46 37.69
CA ASN B 97 -7.67 -38.40 36.79
C ASN B 97 -7.09 -37.60 35.62
N GLY B 98 -6.28 -36.59 35.94
CA GLY B 98 -5.72 -35.63 34.96
C GLY B 98 -6.05 -34.22 35.41
N TRP B 99 -5.43 -33.24 34.77
CA TRP B 99 -5.60 -31.82 35.14
C TRP B 99 -6.78 -31.27 34.35
N ASP B 100 -7.77 -30.77 35.10
CA ASP B 100 -8.99 -30.09 34.61
C ASP B 100 -8.85 -28.60 35.02
N SER B 101 -8.75 -27.71 34.03
CA SER B 101 -8.44 -26.29 34.24
C SER B 101 -9.44 -25.43 33.50
N GLY B 102 -9.56 -24.19 33.97
CA GLY B 102 -10.46 -23.19 33.42
C GLY B 102 -10.07 -21.81 33.87
N PHE B 103 -10.57 -20.82 33.15
CA PHE B 103 -10.53 -19.40 33.49
C PHE B 103 -11.92 -18.95 33.93
N GLY B 104 -11.96 -18.01 34.89
CA GLY B 104 -13.19 -17.21 35.13
C GLY B 104 -13.45 -16.32 33.93
N GLY B 105 -14.61 -15.65 33.89
CA GLY B 105 -15.05 -14.93 32.69
C GLY B 105 -14.44 -13.55 32.61
N GLY B 106 -13.68 -13.13 33.63
CA GLY B 106 -13.01 -11.81 33.63
C GLY B 106 -13.87 -10.77 34.31
N THR B 107 -13.26 -9.91 35.11
CA THR B 107 -13.95 -8.76 35.75
C THR B 107 -13.23 -7.50 35.32
N GLU B 108 -13.96 -6.61 34.63
CA GLU B 108 -13.41 -5.31 34.24
C GLU B 108 -13.45 -4.36 35.44
N VAL B 109 -12.30 -3.76 35.75
CA VAL B 109 -12.20 -2.73 36.79
C VAL B 109 -12.14 -1.37 36.12
N VAL B 110 -13.14 -0.54 36.42
CA VAL B 110 -13.23 0.87 35.98
C VAL B 110 -12.70 1.75 37.15
N VAL B 111 -11.65 2.51 36.93
CA VAL B 111 -11.05 3.35 37.99
C VAL B 111 -11.61 4.76 37.87
N LYS B 112 -12.23 5.29 38.93
CA LYS B 112 -12.85 6.63 38.84
C LYS B 112 -11.80 7.66 39.26
N GLY B 113 -11.37 8.43 38.29
CA GLY B 113 -10.53 9.61 38.54
C GLY B 113 -11.40 10.86 38.62
N ASP B 114 -10.75 11.99 38.49
CA ASP B 114 -11.37 13.34 38.47
C ASP B 114 -12.26 13.42 37.24
N PRO B 115 -13.53 13.81 37.41
CA PRO B 115 -14.44 13.93 36.26
C PRO B 115 -13.99 15.06 35.36
N VAL B 116 -14.06 14.84 34.06
CA VAL B 116 -13.76 15.90 33.07
C VAL B 116 -14.70 15.69 31.88
N ALA B 117 -15.27 16.80 31.44
CA ALA B 117 -16.16 16.86 30.26
C ALA B 117 -15.33 16.71 28.99
N PRO B 118 -15.91 16.05 27.97
CA PRO B 118 -15.23 15.87 26.69
C PRO B 118 -15.10 17.18 25.92
N THR B 119 -14.07 17.29 25.08
CA THR B 119 -14.14 18.22 23.94
C THR B 119 -14.51 17.37 22.74
N VAL B 120 -15.21 17.94 21.77
CA VAL B 120 -15.82 17.14 20.69
C VAL B 120 -15.33 17.72 19.38
N LEU B 121 -14.93 16.87 18.46
CA LEU B 121 -14.53 17.27 17.09
C LEU B 121 -15.39 16.49 16.10
N ILE B 122 -15.76 17.14 15.00
CA ILE B 122 -16.42 16.43 13.89
C ILE B 122 -15.63 16.65 12.60
N PHE B 123 -15.53 15.59 11.78
CA PHE B 123 -14.79 15.58 10.52
C PHE B 123 -15.72 15.18 9.38
N PRO B 124 -15.90 16.09 8.41
CA PRO B 124 -16.66 15.73 7.22
C PRO B 124 -15.81 14.78 6.36
N PRO B 125 -16.45 13.99 5.51
CA PRO B 125 -15.75 13.07 4.61
C PRO B 125 -14.95 13.90 3.61
N SER B 126 -13.73 13.46 3.31
CA SER B 126 -12.92 14.02 2.23
C SER B 126 -13.67 13.82 0.88
N ALA B 127 -13.35 14.63 -0.13
CA ALA B 127 -13.93 14.52 -1.48
C ALA B 127 -13.68 13.11 -2.03
N ASP B 128 -12.48 12.55 -1.82
CA ASP B 128 -12.13 11.24 -2.42
C ASP B 128 -12.88 10.13 -1.66
N LEU B 129 -13.29 10.37 -0.42
CA LEU B 129 -14.11 9.37 0.33
C LEU B 129 -15.52 9.41 -0.25
N VAL B 130 -16.10 10.59 -0.40
CA VAL B 130 -17.45 10.68 -1.01
C VAL B 130 -17.43 9.98 -2.38
N ALA B 131 -16.37 10.16 -3.15
CA ALA B 131 -16.25 9.61 -4.53
C ALA B 131 -16.31 8.08 -4.52
N THR B 132 -16.11 7.41 -3.39
CA THR B 132 -16.13 5.93 -3.28
C THR B 132 -17.57 5.40 -3.34
N GLY B 133 -18.54 6.24 -3.00
CA GLY B 133 -19.96 5.85 -2.94
C GLY B 133 -20.39 5.53 -1.53
N THR B 134 -19.44 5.48 -0.58
CA THR B 134 -19.76 5.21 0.84
C THR B 134 -19.07 6.28 1.69
N VAL B 135 -19.87 7.02 2.46
CA VAL B 135 -19.35 8.12 3.31
C VAL B 135 -19.19 7.65 4.74
N THR B 136 -18.11 8.06 5.38
CA THR B 136 -17.90 7.88 6.82
C THR B 136 -17.64 9.27 7.43
N ILE B 137 -18.46 9.62 8.40
CA ILE B 137 -18.31 10.90 9.14
C ILE B 137 -17.77 10.52 10.50
N VAL B 138 -16.71 11.21 10.91
CA VAL B 138 -16.00 10.84 12.15
C VAL B 138 -16.26 11.94 13.19
N CYS B 139 -16.67 11.53 14.37
CA CYS B 139 -16.80 12.39 15.56
C CYS B 139 -15.88 11.84 16.66
N VAL B 140 -15.18 12.69 17.34
CA VAL B 140 -14.33 12.23 18.47
CA VAL B 140 -14.28 12.27 18.45
C VAL B 140 -14.67 13.02 19.73
N ALA B 141 -14.79 12.30 20.83
CA ALA B 141 -14.93 12.87 22.18
C ALA B 141 -13.60 12.64 22.92
N ASN B 142 -12.88 13.70 23.20
CA ASN B 142 -11.48 13.62 23.72
C ASN B 142 -11.48 13.77 25.24
N LYS B 143 -10.65 12.97 25.88
CA LYS B 143 -10.15 13.17 27.27
C LYS B 143 -11.33 13.43 28.23
N TYR B 144 -12.11 12.41 28.55
CA TYR B 144 -13.33 12.57 29.38
C TYR B 144 -13.43 11.45 30.40
N PHE B 145 -14.14 11.77 31.48
CA PHE B 145 -14.55 10.76 32.47
C PHE B 145 -15.69 11.35 33.29
N PRO B 146 -16.81 10.65 33.58
CA PRO B 146 -17.11 9.27 33.22
C PRO B 146 -17.65 9.11 31.79
N ASP B 147 -18.21 7.94 31.52
CA ASP B 147 -18.66 7.56 30.18
C ASP B 147 -19.69 8.57 29.64
N VAL B 148 -19.70 8.64 28.31
CA VAL B 148 -20.61 9.50 27.51
C VAL B 148 -21.52 8.62 26.71
N THR B 149 -22.62 9.17 26.23
CA THR B 149 -23.46 8.59 25.18
C THR B 149 -23.34 9.52 23.97
N VAL B 150 -23.45 8.96 22.79
CA VAL B 150 -23.30 9.75 21.53
C VAL B 150 -24.61 9.61 20.76
N THR B 151 -25.17 10.74 20.35
CA THR B 151 -26.31 10.79 19.41
C THR B 151 -25.85 11.45 18.10
N TRP B 152 -26.29 10.89 16.99
CA TRP B 152 -26.13 11.53 15.67
C TRP B 152 -27.48 12.09 15.24
N GLU B 153 -27.48 13.34 14.78
CA GLU B 153 -28.70 13.92 14.17
C GLU B 153 -28.35 14.41 12.79
N VAL B 154 -29.28 14.26 11.86
CA VAL B 154 -29.10 14.69 10.46
C VAL B 154 -30.31 15.54 10.12
N ASP B 155 -30.10 16.84 9.99
CA ASP B 155 -31.21 17.83 9.88
C ASP B 155 -32.23 17.57 10.98
N GLY B 156 -31.79 17.29 12.22
CA GLY B 156 -32.70 17.19 13.35
C GLY B 156 -33.21 15.78 13.61
N THR B 157 -33.02 14.83 12.69
CA THR B 157 -33.51 13.42 12.85
C THR B 157 -32.42 12.58 13.52
N THR B 158 -32.79 11.91 14.60
CA THR B 158 -31.90 10.98 15.32
C THR B 158 -31.60 9.81 14.39
N GLN B 159 -30.32 9.50 14.18
CA GLN B 159 -29.88 8.31 13.43
C GLN B 159 -30.01 7.09 14.33
N THR B 160 -30.48 5.96 13.78
CA THR B 160 -30.64 4.72 14.57
C THR B 160 -29.82 3.58 13.99
N THR B 161 -29.23 3.76 12.81
CA THR B 161 -28.35 2.76 12.20
C THR B 161 -27.15 3.47 11.57
N GLY B 162 -26.14 2.69 11.19
CA GLY B 162 -24.91 3.15 10.54
C GLY B 162 -23.92 3.76 11.55
N ILE B 163 -24.13 3.55 12.85
CA ILE B 163 -23.27 4.14 13.91
C ILE B 163 -22.38 3.08 14.55
N GLU B 164 -21.10 3.41 14.71
CA GLU B 164 -20.12 2.55 15.41
C GLU B 164 -19.33 3.45 16.35
N ASN B 165 -19.12 3.00 17.57
CA ASN B 165 -18.33 3.71 18.60
C ASN B 165 -17.11 2.85 18.93
N SER B 166 -16.00 3.49 19.21
CA SER B 166 -14.75 2.81 19.58
C SER B 166 -14.06 3.64 20.65
N LYS B 167 -13.92 3.08 21.82
CA LYS B 167 -13.41 3.79 23.02
C LYS B 167 -12.00 3.32 23.34
N THR B 168 -11.09 4.25 23.62
CA THR B 168 -9.72 3.92 24.04
C THR B 168 -9.79 3.34 25.44
N PRO B 169 -8.81 2.57 25.89
CA PRO B 169 -8.69 2.26 27.32
C PRO B 169 -8.51 3.50 28.19
N GLN B 170 -8.83 3.37 29.48
CA GLN B 170 -8.62 4.48 30.43
C GLN B 170 -7.15 4.86 30.45
N ASN B 171 -6.85 6.15 30.46
CA ASN B 171 -5.49 6.68 30.41
C ASN B 171 -4.82 6.28 31.75
N SER B 172 -3.58 5.79 31.70
CA SER B 172 -2.88 5.32 32.93
C SER B 172 -2.49 6.47 33.86
N ALA B 173 -2.49 7.72 33.40
CA ALA B 173 -2.14 8.90 34.20
C ALA B 173 -3.36 9.63 34.76
N ASP B 174 -4.53 9.61 34.09
CA ASP B 174 -5.65 10.48 34.51
C ASP B 174 -7.00 9.76 34.35
N CYS B 175 -7.03 8.48 34.04
CA CYS B 175 -8.24 7.62 34.00
C CYS B 175 -9.20 7.99 32.85
N THR B 176 -8.86 8.96 32.01
CA THR B 176 -9.80 9.47 30.98
C THR B 176 -9.88 8.50 29.81
N TYR B 177 -11.01 8.57 29.13
CA TYR B 177 -11.31 7.90 27.88
C TYR B 177 -11.18 8.88 26.72
N ASN B 178 -11.07 8.30 25.53
CA ASN B 178 -11.33 8.96 24.24
C ASN B 178 -12.31 8.08 23.47
N LEU B 179 -13.09 8.65 22.59
CA LEU B 179 -14.10 7.89 21.87
C LEU B 179 -14.14 8.38 20.41
N SER B 180 -14.16 7.45 19.49
CA SER B 180 -14.46 7.75 18.07
CA SER B 180 -14.45 7.72 18.06
C SER B 180 -15.87 7.21 17.79
N SER B 181 -16.71 8.02 17.19
CA SER B 181 -18.03 7.59 16.75
C SER B 181 -18.16 7.89 15.27
N THR B 182 -18.62 6.90 14.50
CA THR B 182 -18.69 7.09 13.04
C THR B 182 -20.14 6.87 12.59
N LEU B 183 -20.54 7.67 11.65
CA LEU B 183 -21.82 7.49 10.90
C LEU B 183 -21.44 7.15 9.48
N THR B 184 -21.92 6.02 9.00
CA THR B 184 -21.64 5.53 7.63
C THR B 184 -22.96 5.59 6.85
N LEU B 185 -22.95 6.26 5.72
CA LEU B 185 -24.11 6.38 4.81
C LEU B 185 -23.66 6.15 3.38
N THR B 186 -24.59 5.96 2.41
CA THR B 186 -24.17 5.99 1.00
C THR B 186 -23.90 7.45 0.67
N SER B 187 -23.12 7.70 -0.36
CA SER B 187 -22.88 9.05 -0.90
C SER B 187 -24.23 9.67 -1.31
N THR B 188 -25.12 8.87 -1.90
CA THR B 188 -26.47 9.36 -2.27
C THR B 188 -27.18 9.91 -1.02
N GLN B 189 -27.21 9.14 0.08
CA GLN B 189 -27.83 9.52 1.36
C GLN B 189 -27.12 10.76 1.91
N TYR B 190 -25.78 10.75 1.93
CA TYR B 190 -24.98 11.89 2.43
C TYR B 190 -25.33 13.16 1.66
N ASN B 191 -25.47 13.08 0.34
CA ASN B 191 -25.73 14.29 -0.48
C ASN B 191 -27.19 14.73 -0.39
N SER B 192 -28.07 14.00 0.27
CA SER B 192 -29.52 14.36 0.35
C SER B 192 -29.79 15.19 1.63
N HIS B 193 -28.76 15.48 2.46
CA HIS B 193 -28.99 16.23 3.71
C HIS B 193 -27.95 17.34 3.92
N LYS B 194 -28.21 18.25 4.85
CA LYS B 194 -27.35 19.43 5.02
C LYS B 194 -26.54 19.32 6.31
N GLU B 195 -27.25 19.27 7.44
CA GLU B 195 -26.61 19.46 8.76
C GLU B 195 -26.35 18.08 9.34
N TYR B 196 -25.08 17.84 9.66
CA TYR B 196 -24.65 16.63 10.36
C TYR B 196 -24.20 17.03 11.77
N THR B 197 -24.75 16.35 12.76
CA THR B 197 -24.57 16.72 14.18
C THR B 197 -24.11 15.49 14.97
N CYS B 198 -23.03 15.68 15.75
CA CYS B 198 -22.58 14.73 16.78
C CYS B 198 -22.84 15.35 18.14
N LYS B 199 -23.70 14.74 18.94
CA LYS B 199 -24.06 15.18 20.29
C LYS B 199 -23.50 14.20 21.32
N VAL B 200 -22.65 14.68 22.20
CA VAL B 200 -21.99 13.81 23.21
C VAL B 200 -22.53 14.26 24.56
N THR B 201 -23.14 13.33 25.28
CA THR B 201 -23.84 13.59 26.54
C THR B 201 -23.09 12.86 27.65
N GLN B 202 -22.73 13.62 28.68
CA GLN B 202 -22.15 13.13 29.95
C GLN B 202 -23.06 13.60 31.08
N GLY B 203 -23.94 12.72 31.53
CA GLY B 203 -24.98 12.99 32.53
C GLY B 203 -25.87 14.14 32.07
N THR B 204 -25.79 15.30 32.74
CA THR B 204 -26.68 16.46 32.46
C THR B 204 -25.99 17.47 31.53
N THR B 205 -24.78 17.17 31.05
CA THR B 205 -24.04 18.07 30.14
C THR B 205 -24.04 17.44 28.74
N SER B 206 -24.21 18.24 27.70
CA SER B 206 -23.90 17.79 26.33
C SER B 206 -22.98 18.81 25.66
N VAL B 207 -22.14 18.25 24.82
CA VAL B 207 -21.28 19.04 23.91
C VAL B 207 -21.64 18.61 22.50
N VAL B 208 -21.99 19.56 21.64
CA VAL B 208 -22.54 19.27 20.30
C VAL B 208 -21.67 19.92 19.22
N GLN B 209 -21.17 19.14 18.24
CA GLN B 209 -20.49 19.72 17.07
C GLN B 209 -21.28 19.36 15.81
N SER B 210 -21.34 20.27 14.84
CA SER B 210 -22.05 20.07 13.57
CA SER B 210 -22.08 20.10 13.57
C SER B 210 -21.23 20.65 12.43
N PHE B 211 -21.57 20.24 11.20
CA PHE B 211 -21.09 20.92 9.99
C PHE B 211 -22.29 20.85 9.02
N ASN B 212 -22.27 21.76 8.08
CA ASN B 212 -23.25 21.83 6.97
C ASN B 212 -22.51 21.37 5.71
N ARG B 213 -22.96 20.27 5.14
CA ARG B 213 -22.42 19.74 3.86
C ARG B 213 -22.63 20.87 2.86
N GLY B 214 -21.61 21.23 2.12
CA GLY B 214 -21.76 22.33 1.14
C GLY B 214 -21.04 23.55 1.65
N ASP B 215 -20.95 23.75 2.97
CA ASP B 215 -20.12 24.82 3.55
C ASP B 215 -18.68 24.30 3.74
N CYS B 216 -18.41 23.00 3.57
CA CYS B 216 -17.06 22.41 3.79
C CYS B 216 -16.47 21.90 2.47
N LYS C 6 1.67 -34.48 40.04
CA LYS C 6 2.62 -33.54 39.41
C LYS C 6 3.56 -34.25 38.39
N PHE C 7 3.29 -35.50 38.03
CA PHE C 7 4.00 -36.16 36.89
C PHE C 7 3.84 -35.33 35.58
N GLY C 8 4.93 -35.01 34.90
CA GLY C 8 4.90 -34.23 33.64
C GLY C 8 4.70 -32.71 33.83
N M3L C 9 4.54 -32.25 35.08
CA M3L C 9 4.11 -30.88 35.33
CB M3L C 9 3.32 -30.73 36.62
CG M3L C 9 1.87 -31.22 36.54
CD M3L C 9 0.97 -30.39 35.67
CE M3L C 9 0.62 -29.10 36.38
NZ M3L C 9 0.10 -27.98 35.51
C M3L C 9 5.27 -29.91 35.37
O M3L C 9 5.05 -28.71 35.40
CM1 M3L C 9 1.24 -27.42 34.72
CM2 M3L C 9 -0.44 -26.90 36.38
CM3 M3L C 9 -0.98 -28.46 34.64
N GLY C 10 6.50 -30.45 35.35
CA GLY C 10 7.68 -29.61 35.22
C GLY C 10 7.99 -28.85 36.52
N GLY C 11 8.65 -27.68 36.42
CA GLY C 11 9.24 -26.94 37.57
C GLY C 11 8.27 -25.92 38.17
N THR C 12 8.44 -25.55 39.43
CA THR C 12 7.56 -24.55 40.09
C THR C 12 8.09 -23.13 39.86
N TYR C 13 7.26 -22.10 40.06
CA TYR C 13 7.68 -20.68 39.94
C TYR C 13 8.91 -20.47 40.83
N PRO C 14 9.98 -19.80 40.33
CA PRO C 14 11.23 -19.64 41.10
C PRO C 14 11.04 -18.94 42.46
N GLN D 1 22.04 23.81 -15.96
CA GLN D 1 22.05 22.49 -15.31
C GLN D 1 20.71 21.79 -15.60
N THR D 2 19.67 21.97 -14.80
CA THR D 2 18.49 21.05 -14.82
C THR D 2 17.16 21.82 -14.75
N VAL D 3 16.11 21.10 -15.14
CA VAL D 3 14.68 21.52 -15.08
C VAL D 3 13.88 20.32 -14.58
N LYS D 4 12.84 20.57 -13.81
CA LYS D 4 12.06 19.49 -13.16
C LYS D 4 10.58 19.87 -13.16
N GLU D 5 9.76 19.05 -13.81
CA GLU D 5 8.31 19.27 -13.90
C GLU D 5 7.66 18.65 -12.66
N SER D 6 6.55 19.23 -12.23
CA SER D 6 5.72 18.72 -11.13
C SER D 6 4.24 19.11 -11.35
N GLY D 7 3.32 18.37 -10.72
CA GLY D 7 1.89 18.72 -10.67
C GLY D 7 1.03 17.73 -11.43
N GLY D 8 1.63 16.82 -12.17
CA GLY D 8 0.88 15.80 -12.96
C GLY D 8 0.06 14.89 -12.06
N ARG D 9 -1.18 14.61 -12.42
CA ARG D 9 -2.13 13.81 -11.66
C ARG D 9 -3.32 13.50 -12.56
N LEU D 10 -4.23 12.71 -12.00
CA LEU D 10 -5.57 12.48 -12.54
C LEU D 10 -6.30 13.80 -12.44
N VAL D 11 -6.95 14.22 -13.51
CA VAL D 11 -7.80 15.43 -13.54
C VAL D 11 -9.08 15.07 -14.28
N THR D 12 -10.20 15.54 -13.76
CA THR D 12 -11.52 15.21 -14.33
C THR D 12 -11.64 15.95 -15.63
N PRO D 13 -12.28 15.34 -16.64
CA PRO D 13 -12.62 16.02 -17.89
C PRO D 13 -13.34 17.33 -17.60
N GLY D 14 -12.95 18.40 -18.29
CA GLY D 14 -13.53 19.74 -18.11
C GLY D 14 -12.77 20.51 -17.04
N GLY D 15 -11.89 19.83 -16.32
CA GLY D 15 -11.18 20.40 -15.17
C GLY D 15 -10.00 21.26 -15.59
N THR D 16 -9.32 21.81 -14.60
CA THR D 16 -8.20 22.75 -14.70
C THR D 16 -7.05 22.17 -13.88
N LEU D 17 -5.82 22.29 -14.36
CA LEU D 17 -4.61 21.85 -13.66
C LEU D 17 -3.51 22.88 -13.93
N THR D 18 -2.58 23.06 -12.99
CA THR D 18 -1.38 23.89 -13.18
C THR D 18 -0.16 23.02 -12.97
N LEU D 19 0.72 22.95 -13.95
CA LEU D 19 2.02 22.28 -13.84
C LEU D 19 3.08 23.32 -13.54
N THR D 20 4.15 22.88 -12.88
CA THR D 20 5.28 23.77 -12.54
C THR D 20 6.55 23.14 -13.06
N CYS D 21 7.38 24.00 -13.64
CA CYS D 21 8.74 23.66 -14.10
C CYS D 21 9.68 24.41 -13.17
N THR D 22 10.52 23.71 -12.43
CA THR D 22 11.53 24.31 -11.53
C THR D 22 12.89 24.22 -12.22
N VAL D 23 13.59 25.33 -12.32
CA VAL D 23 14.91 25.37 -13.00
C VAL D 23 16.03 25.47 -11.99
N SER D 24 17.23 25.07 -12.39
CA SER D 24 18.44 25.16 -11.52
C SER D 24 19.69 25.36 -12.37
N GLY D 25 20.50 26.37 -12.02
CA GLY D 25 21.82 26.63 -12.63
C GLY D 25 21.75 27.56 -13.83
N PHE D 26 20.65 28.27 -14.05
CA PHE D 26 20.56 29.31 -15.12
C PHE D 26 19.41 30.25 -14.78
N SER D 27 19.49 31.47 -15.31
CA SER D 27 18.51 32.55 -15.00
C SER D 27 17.43 32.59 -16.08
N LEU D 28 16.18 32.73 -15.65
CA LEU D 28 15.03 32.88 -16.58
C LEU D 28 15.05 34.29 -17.18
N SER D 29 15.96 35.17 -16.74
CA SER D 29 16.20 36.49 -17.38
C SER D 29 17.09 36.33 -18.62
N ARG D 30 17.80 35.21 -18.72
CA ARG D 30 18.88 34.97 -19.72
CA ARG D 30 18.85 35.03 -19.77
C ARG D 30 18.42 33.95 -20.76
N TYR D 31 17.44 33.11 -20.41
CA TYR D 31 16.97 32.01 -21.29
C TYR D 31 15.46 31.94 -21.37
N ALA D 32 15.01 31.73 -22.61
CA ALA D 32 13.62 31.40 -22.95
C ALA D 32 13.34 29.96 -22.51
N MET D 33 12.08 29.64 -22.33
CA MET D 33 11.66 28.29 -21.87
C MET D 33 10.47 27.88 -22.72
N SER D 34 10.24 26.57 -22.79
CA SER D 34 9.14 26.04 -23.63
C SER D 34 8.50 24.88 -22.89
N TRP D 35 7.21 24.67 -23.18
CA TRP D 35 6.49 23.44 -22.80
C TRP D 35 6.23 22.59 -24.04
N VAL D 36 6.49 21.30 -23.91
CA VAL D 36 6.33 20.26 -24.95
C VAL D 36 5.56 19.09 -24.33
N ARG D 37 4.61 18.49 -25.02
CA ARG D 37 3.91 17.31 -24.43
C ARG D 37 4.03 16.11 -25.38
N GLN D 38 3.75 14.95 -24.83
CA GLN D 38 3.82 13.69 -25.61
C GLN D 38 2.74 12.77 -25.10
N ALA D 39 1.69 12.61 -25.91
CA ALA D 39 0.60 11.67 -25.63
C ALA D 39 1.21 10.26 -25.69
N PRO D 40 0.68 9.32 -24.87
CA PRO D 40 1.23 7.97 -24.82
C PRO D 40 1.27 7.34 -26.24
N GLY D 41 2.48 6.91 -26.59
CA GLY D 41 2.81 6.23 -27.86
C GLY D 41 2.87 7.20 -29.02
N GLU D 42 2.77 8.51 -28.79
CA GLU D 42 2.67 9.53 -29.86
C GLU D 42 3.93 10.41 -29.83
N GLY D 43 4.01 11.37 -30.74
CA GLY D 43 5.25 12.14 -30.89
C GLY D 43 5.23 13.37 -30.02
N LEU D 44 6.36 14.07 -29.98
CA LEU D 44 6.48 15.36 -29.28
C LEU D 44 5.58 16.39 -29.96
N GLU D 45 4.95 17.24 -29.14
CA GLU D 45 4.01 18.29 -29.62
C GLU D 45 4.36 19.57 -28.87
N TYR D 46 4.75 20.59 -29.64
CA TYR D 46 5.05 21.94 -29.16
C TYR D 46 3.77 22.56 -28.59
N ILE D 47 3.85 23.18 -27.42
CA ILE D 47 2.66 23.84 -26.79
C ILE D 47 2.84 25.35 -26.85
N GLY D 48 3.98 25.83 -26.40
CA GLY D 48 4.21 27.27 -26.31
C GLY D 48 5.53 27.56 -25.67
N TRP D 49 5.83 28.85 -25.53
CA TRP D 49 7.08 29.31 -24.90
C TRP D 49 6.86 30.66 -24.22
N ILE D 50 7.83 31.01 -23.40
CA ILE D 50 7.84 32.28 -22.67
C ILE D 50 9.22 32.88 -22.84
N ASN D 51 9.24 34.15 -23.26
CA ASN D 51 10.52 34.84 -23.57
C ASN D 51 11.17 35.33 -22.25
N THR D 52 12.35 35.96 -22.31
CA THR D 52 13.08 36.34 -21.08
C THR D 52 12.32 37.47 -20.37
N TYR D 53 11.39 38.15 -21.05
CA TYR D 53 10.62 39.27 -20.44
C TYR D 53 9.30 38.79 -19.87
N GLY D 54 8.97 37.51 -20.03
CA GLY D 54 7.71 36.99 -19.48
C GLY D 54 6.56 37.03 -20.47
N SER D 55 6.79 37.36 -21.74
CA SER D 55 5.72 37.27 -22.78
C SER D 55 5.58 35.84 -23.25
N ALA D 56 4.36 35.29 -23.17
CA ALA D 56 4.10 33.87 -23.54
C ALA D 56 3.48 33.83 -24.93
N TYR D 57 3.80 32.81 -25.72
CA TYR D 57 3.20 32.55 -27.05
C TYR D 57 2.85 31.09 -27.16
N TYR D 58 1.80 30.77 -27.94
CA TYR D 58 1.17 29.43 -27.97
C TYR D 58 1.04 28.93 -29.40
N ALA D 59 1.14 27.63 -29.57
CA ALA D 59 0.74 26.89 -30.79
C ALA D 59 -0.70 27.26 -31.12
N SER D 60 -1.04 27.29 -32.40
CA SER D 60 -2.35 27.81 -32.86
C SER D 60 -3.50 26.97 -32.29
N TRP D 61 -3.30 25.69 -31.96
CA TRP D 61 -4.42 24.83 -31.49
C TRP D 61 -4.78 25.13 -30.03
N VAL D 62 -3.96 25.92 -29.33
CA VAL D 62 -4.20 26.15 -27.88
C VAL D 62 -5.50 26.92 -27.66
N ASN D 63 -5.85 27.87 -28.53
CA ASN D 63 -7.18 28.55 -28.51
C ASN D 63 -7.45 29.15 -27.12
N GLY D 64 -6.47 29.84 -26.53
CA GLY D 64 -6.61 30.53 -25.24
C GLY D 64 -6.76 29.60 -24.03
N ARG D 65 -6.60 28.28 -24.19
CA ARG D 65 -6.96 27.31 -23.13
C ARG D 65 -5.85 27.24 -22.09
N PHE D 66 -4.61 27.57 -22.47
CA PHE D 66 -3.41 27.40 -21.63
C PHE D 66 -2.77 28.75 -21.33
N THR D 67 -2.12 28.87 -20.17
CA THR D 67 -1.38 30.08 -19.75
C THR D 67 -0.01 29.67 -19.27
N ILE D 68 1.02 30.29 -19.82
CA ILE D 68 2.42 30.13 -19.35
C ILE D 68 2.81 31.41 -18.64
N SER D 69 3.38 31.29 -17.45
CA SER D 69 3.86 32.43 -16.63
C SER D 69 5.14 32.02 -15.94
N LYS D 70 5.90 32.95 -15.36
CA LYS D 70 7.10 32.56 -14.63
C LYS D 70 7.33 33.42 -13.39
N THR D 71 8.26 32.94 -12.59
CA THR D 71 8.89 33.60 -11.42
C THR D 71 10.38 33.68 -11.74
N SER D 72 11.28 33.83 -10.76
CA SER D 72 12.73 33.87 -11.09
C SER D 72 13.27 32.44 -11.23
N THR D 73 12.59 31.44 -10.67
CA THR D 73 13.10 30.06 -10.66
C THR D 73 12.09 29.04 -11.18
N THR D 74 10.85 29.46 -11.51
CA THR D 74 9.82 28.52 -11.96
C THR D 74 9.07 29.09 -13.16
N MET D 75 8.50 28.17 -13.91
CA MET D 75 7.56 28.49 -14.99
C MET D 75 6.35 27.60 -14.75
N ASP D 76 5.15 28.15 -14.91
CA ASP D 76 3.91 27.36 -14.81
C ASP D 76 3.29 27.13 -16.19
N LEU D 77 2.43 26.12 -16.25
CA LEU D 77 1.50 25.88 -17.37
C LEU D 77 0.13 25.63 -16.75
N LYS D 78 -0.76 26.61 -16.88
CA LYS D 78 -2.16 26.48 -16.41
C LYS D 78 -3.00 26.02 -17.60
N MET D 79 -3.70 24.89 -17.46
CA MET D 79 -4.51 24.29 -18.56
C MET D 79 -5.96 24.18 -18.10
N THR D 80 -6.89 24.66 -18.94
CA THR D 80 -8.35 24.68 -18.66
C THR D 80 -9.09 23.74 -19.62
N SER D 81 -10.32 23.35 -19.27
CA SER D 81 -11.24 22.57 -20.15
C SER D 81 -10.50 21.33 -20.69
N LEU D 82 -9.87 20.60 -19.80
CA LEU D 82 -9.04 19.43 -20.15
C LEU D 82 -9.93 18.31 -20.69
N THR D 83 -9.47 17.63 -21.74
CA THR D 83 -10.11 16.41 -22.31
C THR D 83 -9.06 15.31 -22.43
N ALA D 84 -9.47 14.12 -22.84
CA ALA D 84 -8.59 12.95 -23.07
C ALA D 84 -7.49 13.31 -24.09
N ALA D 85 -7.75 14.25 -25.00
CA ALA D 85 -6.76 14.71 -26.01
C ALA D 85 -5.55 15.33 -25.31
N ASP D 86 -5.70 15.74 -24.03
CA ASP D 86 -4.64 16.42 -23.26
C ASP D 86 -3.87 15.45 -22.37
N THR D 87 -4.29 14.18 -22.30
CA THR D 87 -3.53 13.15 -21.53
C THR D 87 -2.16 13.02 -22.19
N ALA D 88 -1.06 13.22 -21.44
CA ALA D 88 0.30 13.25 -21.99
C ALA D 88 1.32 13.42 -20.89
N THR D 89 2.56 13.12 -21.20
CA THR D 89 3.72 13.60 -20.43
C THR D 89 3.98 15.05 -20.89
N TYR D 90 4.11 15.95 -19.93
CA TYR D 90 4.44 17.38 -20.13
C TYR D 90 5.89 17.54 -19.68
N PHE D 91 6.67 18.06 -20.62
CA PHE D 91 8.10 18.40 -20.43
C PHE D 91 8.28 19.91 -20.47
N CYS D 92 9.15 20.41 -19.63
CA CYS D 92 9.66 21.79 -19.81
C CYS D 92 11.09 21.68 -20.30
N VAL D 93 11.49 22.66 -21.13
CA VAL D 93 12.84 22.73 -21.74
C VAL D 93 13.30 24.17 -21.70
N ARG D 94 14.58 24.38 -21.51
CA ARG D 94 15.19 25.66 -21.92
C ARG D 94 15.34 25.69 -23.43
N TRP D 95 14.94 26.80 -24.05
CA TRP D 95 14.95 26.98 -25.52
C TRP D 95 15.98 28.04 -25.87
N PHE D 96 17.17 27.61 -26.29
CA PHE D 96 18.29 28.52 -26.67
C PHE D 96 17.84 29.41 -27.82
N ALA D 97 18.42 30.61 -27.90
CA ALA D 97 18.17 31.60 -28.97
C ALA D 97 18.21 30.93 -30.34
N ASP D 98 19.18 30.05 -30.56
CA ASP D 98 19.48 29.46 -31.90
C ASP D 98 18.80 28.08 -32.02
N GLY D 99 17.85 27.74 -31.14
CA GLY D 99 16.74 26.80 -31.42
C GLY D 99 16.86 25.49 -30.68
N GLY D 100 18.03 25.17 -30.14
CA GLY D 100 18.20 23.96 -29.34
C GLY D 100 17.33 23.98 -28.10
N MET D 101 16.59 22.88 -27.85
CA MET D 101 15.86 22.67 -26.59
C MET D 101 16.68 21.75 -25.69
N ASP D 102 17.20 22.30 -24.59
CA ASP D 102 18.15 21.57 -23.72
C ASP D 102 18.46 22.40 -22.47
N PRO D 103 18.41 21.83 -21.25
CA PRO D 103 17.98 20.45 -21.00
C PRO D 103 16.47 20.25 -21.02
N TRP D 104 16.07 18.97 -21.02
CA TRP D 104 14.66 18.55 -20.83
C TRP D 104 14.51 18.05 -19.39
N GLY D 105 13.32 18.17 -18.82
CA GLY D 105 13.12 17.48 -17.53
C GLY D 105 12.72 16.04 -17.73
N PRO D 106 12.49 15.28 -16.63
CA PRO D 106 11.93 13.92 -16.69
C PRO D 106 10.48 13.86 -17.14
N GLY D 107 9.73 14.97 -17.02
CA GLY D 107 8.31 14.98 -17.42
C GLY D 107 7.40 14.68 -16.25
N THR D 108 6.16 15.10 -16.35
CA THR D 108 5.11 14.90 -15.35
C THR D 108 3.88 14.51 -16.17
N LEU D 109 3.13 13.54 -15.69
CA LEU D 109 2.03 12.94 -16.47
C LEU D 109 0.71 13.60 -16.10
N VAL D 110 -0.02 14.11 -17.09
CA VAL D 110 -1.42 14.52 -16.89
C VAL D 110 -2.32 13.42 -17.44
N THR D 111 -3.20 12.91 -16.60
CA THR D 111 -4.14 11.82 -16.95
C THR D 111 -5.54 12.38 -16.83
N VAL D 112 -6.17 12.72 -17.96
CA VAL D 112 -7.53 13.29 -17.96
C VAL D 112 -8.50 12.12 -17.99
N SER D 113 -9.10 11.84 -16.84
CA SER D 113 -9.97 10.66 -16.65
C SER D 113 -10.92 10.98 -15.50
N SER D 114 -12.09 10.36 -15.55
CA SER D 114 -13.13 10.42 -14.50
C SER D 114 -12.78 9.51 -13.33
N GLY D 115 -11.86 8.58 -13.48
CA GLY D 115 -11.64 7.59 -12.41
C GLY D 115 -11.03 8.24 -11.17
N GLN D 116 -10.98 7.50 -10.08
CA GLN D 116 -10.33 7.93 -8.82
C GLN D 116 -8.94 7.29 -8.80
N PRO D 117 -7.94 7.90 -8.14
CA PRO D 117 -6.68 7.21 -7.90
C PRO D 117 -6.96 5.83 -7.31
N LYS D 118 -6.20 4.86 -7.80
CA LYS D 118 -6.39 3.46 -7.37
C LYS D 118 -5.02 2.81 -7.25
N ALA D 119 -4.73 2.22 -6.09
CA ALA D 119 -3.40 1.65 -5.81
C ALA D 119 -3.33 0.28 -6.50
N PRO D 120 -2.12 -0.14 -6.85
CA PRO D 120 -1.91 -1.43 -7.49
C PRO D 120 -2.15 -2.60 -6.56
N SER D 121 -2.53 -3.73 -7.13
CA SER D 121 -2.52 -5.06 -6.45
C SER D 121 -1.31 -5.82 -6.99
N VAL D 122 -0.58 -6.51 -6.11
CA VAL D 122 0.67 -7.17 -6.55
C VAL D 122 0.52 -8.67 -6.31
N PHE D 123 0.92 -9.46 -7.30
CA PHE D 123 0.82 -10.93 -7.23
C PHE D 123 2.16 -11.52 -7.61
N PRO D 124 2.59 -12.61 -6.94
CA PRO D 124 3.85 -13.25 -7.29
C PRO D 124 3.77 -14.00 -8.61
N LEU D 125 4.89 -14.01 -9.32
CA LEU D 125 5.17 -14.83 -10.53
C LEU D 125 6.26 -15.83 -10.18
N ALA D 126 5.92 -17.09 -10.19
CA ALA D 126 6.86 -18.20 -9.94
C ALA D 126 6.51 -19.34 -10.86
N PRO D 127 7.54 -20.12 -11.23
CA PRO D 127 7.34 -21.25 -12.12
C PRO D 127 6.42 -22.25 -11.42
N CYS D 128 5.66 -22.93 -12.24
CA CYS D 128 4.83 -24.08 -11.84
C CYS D 128 5.64 -25.03 -10.92
N CYS D 129 5.13 -25.28 -9.70
CA CYS D 129 5.77 -26.22 -8.75
C CYS D 129 5.68 -27.57 -9.46
N GLY D 130 6.76 -28.34 -9.47
CA GLY D 130 6.75 -29.58 -10.26
C GLY D 130 7.58 -29.44 -11.51
N ASP D 131 7.81 -28.22 -12.00
CA ASP D 131 8.93 -27.98 -12.97
C ASP D 131 10.24 -28.49 -12.35
N THR D 132 11.08 -29.21 -13.09
CA THR D 132 12.41 -29.64 -12.58
C THR D 132 13.21 -28.38 -12.27
N PRO D 133 13.87 -28.30 -11.10
CA PRO D 133 14.71 -27.13 -10.79
C PRO D 133 15.98 -27.12 -11.68
N SER D 134 16.46 -25.91 -12.01
CA SER D 134 17.76 -25.67 -12.72
C SER D 134 18.64 -24.79 -11.82
N SER D 135 19.85 -24.43 -12.29
CA SER D 135 20.83 -23.63 -11.51
C SER D 135 20.30 -22.21 -11.28
N THR D 136 19.43 -21.70 -12.15
CA THR D 136 18.92 -20.32 -12.00
C THR D 136 17.39 -20.35 -12.07
N VAL D 137 16.76 -19.40 -11.39
CA VAL D 137 15.30 -19.32 -11.41
C VAL D 137 14.92 -17.86 -11.71
N THR D 138 13.83 -17.68 -12.45
CA THR D 138 13.29 -16.32 -12.71
C THR D 138 12.00 -16.18 -11.92
N LEU D 139 11.94 -15.16 -11.07
CA LEU D 139 10.74 -14.84 -10.26
C LEU D 139 10.27 -13.47 -10.64
N GLY D 140 9.03 -13.13 -10.31
CA GLY D 140 8.54 -11.81 -10.65
C GLY D 140 7.35 -11.36 -9.84
N CYS D 141 6.92 -10.17 -10.17
CA CYS D 141 5.71 -9.54 -9.59
C CYS D 141 4.85 -9.03 -10.74
N LEU D 142 3.57 -9.38 -10.70
CA LEU D 142 2.53 -8.78 -11.57
C LEU D 142 1.87 -7.63 -10.81
N VAL D 143 1.86 -6.46 -11.41
CA VAL D 143 1.36 -5.22 -10.76
C VAL D 143 0.13 -4.75 -11.51
N LYS D 144 -1.08 -4.87 -10.94
CA LYS D 144 -2.26 -4.60 -11.78
C LYS D 144 -3.28 -3.68 -11.09
N GLY D 145 -4.15 -3.12 -11.91
CA GLY D 145 -5.33 -2.41 -11.40
C GLY D 145 -5.05 -1.01 -10.89
N TYR D 146 -4.01 -0.34 -11.35
CA TYR D 146 -3.62 1.00 -10.80
C TYR D 146 -3.97 2.12 -11.78
N LEU D 147 -4.16 3.32 -11.20
CA LEU D 147 -4.47 4.55 -11.93
C LEU D 147 -4.10 5.72 -11.00
N PRO D 148 -3.46 6.80 -11.50
CA PRO D 148 -2.83 6.84 -12.81
C PRO D 148 -1.47 6.11 -12.79
N GLU D 149 -0.79 6.08 -13.93
CA GLU D 149 0.67 5.86 -14.04
C GLU D 149 1.38 7.01 -13.36
N PRO D 150 2.63 6.82 -12.92
CA PRO D 150 3.30 5.51 -12.96
C PRO D 150 3.32 4.70 -11.65
N VAL D 151 3.90 3.49 -11.72
CA VAL D 151 4.46 2.80 -10.55
C VAL D 151 5.96 2.73 -10.76
N THR D 152 6.68 2.56 -9.67
CA THR D 152 8.11 2.15 -9.71
C THR D 152 8.19 0.74 -9.09
N VAL D 153 9.08 -0.07 -9.64
CA VAL D 153 9.43 -1.41 -9.11
C VAL D 153 10.94 -1.46 -8.90
N THR D 154 11.33 -1.87 -7.74
CA THR D 154 12.72 -2.25 -7.43
C THR D 154 12.69 -3.66 -6.86
N TRP D 155 13.85 -4.26 -6.74
CA TRP D 155 14.02 -5.57 -6.09
C TRP D 155 15.00 -5.41 -4.94
N ASN D 156 14.69 -6.05 -3.82
CA ASN D 156 15.49 -6.03 -2.58
C ASN D 156 15.91 -4.60 -2.28
N SER D 157 14.94 -3.69 -2.31
CA SER D 157 15.11 -2.26 -1.93
C SER D 157 16.18 -1.61 -2.80
N GLY D 158 16.26 -1.98 -4.07
CA GLY D 158 17.16 -1.34 -5.05
C GLY D 158 18.52 -1.98 -5.09
N THR D 159 18.83 -2.94 -4.20
CA THR D 159 20.17 -3.59 -4.12
C THR D 159 20.27 -4.71 -5.16
N LEU D 160 19.15 -5.14 -5.79
CA LEU D 160 19.18 -6.22 -6.81
C LEU D 160 18.79 -5.63 -8.16
N THR D 161 19.71 -5.48 -9.11
CA THR D 161 19.44 -4.73 -10.37
C THR D 161 19.83 -5.59 -11.57
N ASN D 162 20.84 -6.44 -11.43
CA ASN D 162 21.27 -7.35 -12.52
C ASN D 162 20.20 -8.42 -12.77
N GLY D 163 19.83 -8.54 -14.04
CA GLY D 163 18.94 -9.64 -14.48
C GLY D 163 17.50 -9.27 -14.21
N VAL D 164 17.21 -7.97 -13.94
CA VAL D 164 15.84 -7.40 -13.77
C VAL D 164 15.31 -6.90 -15.11
N ARG D 165 14.10 -7.32 -15.47
CA ARG D 165 13.37 -6.79 -16.64
C ARG D 165 12.01 -6.30 -16.14
N THR D 166 11.76 -5.02 -16.28
CA THR D 166 10.48 -4.41 -15.86
C THR D 166 9.83 -3.89 -17.12
N PHE D 167 8.68 -4.42 -17.48
CA PHE D 167 8.09 -4.18 -18.80
C PHE D 167 7.33 -2.87 -18.76
N PRO D 168 7.23 -2.19 -19.92
CA PRO D 168 6.36 -1.03 -20.04
C PRO D 168 4.93 -1.39 -19.63
N SER D 169 4.28 -0.45 -18.95
CA SER D 169 2.86 -0.55 -18.57
C SER D 169 2.01 -0.70 -19.82
N VAL D 170 0.86 -1.36 -19.66
CA VAL D 170 -0.22 -1.40 -20.67
C VAL D 170 -1.49 -0.88 -19.97
N ARG D 171 -2.20 0.00 -20.65
CA ARG D 171 -3.54 0.45 -20.25
C ARG D 171 -4.59 -0.56 -20.75
N GLN D 172 -5.38 -1.14 -19.83
CA GLN D 172 -6.48 -2.08 -20.13
C GLN D 172 -7.71 -1.27 -20.62
N SER D 173 -8.75 -1.95 -21.09
CA SER D 173 -9.97 -1.28 -21.61
C SER D 173 -10.66 -0.54 -20.45
N SER D 174 -10.49 -1.04 -19.22
CA SER D 174 -11.00 -0.41 -17.96
C SER D 174 -10.36 0.98 -17.77
N GLY D 175 -9.23 1.26 -18.41
CA GLY D 175 -8.48 2.49 -18.13
C GLY D 175 -7.46 2.28 -17.00
N LEU D 176 -7.46 1.14 -16.33
CA LEU D 176 -6.40 0.83 -15.32
C LEU D 176 -5.16 0.28 -16.03
N TYR D 177 -4.06 0.29 -15.29
CA TYR D 177 -2.75 -0.11 -15.84
C TYR D 177 -2.25 -1.40 -15.18
N SER D 178 -1.38 -2.10 -15.90
CA SER D 178 -0.76 -3.36 -15.43
C SER D 178 0.67 -3.42 -16.00
N LEU D 179 1.59 -3.96 -15.22
CA LEU D 179 2.91 -4.36 -15.75
C LEU D 179 3.44 -5.52 -14.94
N SER D 180 4.45 -6.21 -15.48
CA SER D 180 5.18 -7.22 -14.73
C SER D 180 6.65 -6.79 -14.63
N SER D 181 7.30 -7.24 -13.58
CA SER D 181 8.76 -7.18 -13.42
C SER D 181 9.29 -8.57 -13.09
N VAL D 182 10.37 -9.02 -13.71
CA VAL D 182 10.96 -10.33 -13.39
C VAL D 182 12.46 -10.14 -13.13
N VAL D 183 13.02 -11.04 -12.39
CA VAL D 183 14.47 -11.03 -12.04
C VAL D 183 14.95 -12.48 -12.03
N SER D 184 16.10 -12.71 -12.65
CA SER D 184 16.77 -14.03 -12.70
C SER D 184 17.85 -14.06 -11.61
N VAL D 185 17.81 -15.07 -10.75
CA VAL D 185 18.81 -15.27 -9.66
C VAL D 185 19.28 -16.73 -9.68
N THR D 186 20.43 -17.00 -9.05
CA THR D 186 20.92 -18.39 -8.85
C THR D 186 19.88 -19.05 -7.95
N SER D 187 19.49 -20.29 -8.27
CA SER D 187 18.58 -21.15 -7.49
C SER D 187 19.21 -21.36 -6.11
N SER D 188 18.41 -21.58 -5.06
CA SER D 188 18.88 -21.73 -3.65
C SER D 188 19.42 -20.38 -3.12
N SER D 189 19.43 -19.30 -3.93
CA SER D 189 19.55 -17.92 -3.40
C SER D 189 18.37 -17.63 -2.48
N GLN D 190 18.57 -16.72 -1.53
CA GLN D 190 17.54 -16.31 -0.54
C GLN D 190 16.38 -15.65 -1.28
N PRO D 191 15.16 -15.63 -0.70
CA PRO D 191 14.01 -15.03 -1.39
C PRO D 191 14.28 -13.56 -1.75
N VAL D 192 13.62 -13.14 -2.81
CA VAL D 192 13.76 -11.81 -3.43
C VAL D 192 12.42 -11.14 -3.15
N THR D 193 12.46 -9.85 -2.99
CA THR D 193 11.28 -9.02 -2.68
C THR D 193 11.15 -7.92 -3.72
N CYS D 194 9.98 -7.82 -4.36
CA CYS D 194 9.70 -6.69 -5.25
C CYS D 194 9.09 -5.56 -4.44
N ASN D 195 9.57 -4.33 -4.70
CA ASN D 195 9.13 -3.11 -4.00
C ASN D 195 8.33 -2.30 -5.00
N VAL D 196 7.02 -2.25 -4.83
CA VAL D 196 6.13 -1.52 -5.78
C VAL D 196 5.70 -0.23 -5.12
N ALA D 197 5.95 0.89 -5.77
CA ALA D 197 5.52 2.20 -5.22
C ALA D 197 4.58 2.85 -6.19
N HIS D 198 3.50 3.43 -5.66
CA HIS D 198 2.52 4.16 -6.49
C HIS D 198 2.37 5.56 -5.92
N PRO D 199 3.13 6.53 -6.44
CA PRO D 199 3.14 7.87 -5.87
C PRO D 199 1.76 8.49 -5.74
N ALA D 200 0.87 8.28 -6.72
CA ALA D 200 -0.46 8.96 -6.71
C ALA D 200 -1.25 8.60 -5.47
N THR D 201 -1.11 7.39 -4.94
CA THR D 201 -1.82 6.99 -3.71
C THR D 201 -0.87 6.87 -2.51
N ASN D 202 0.39 7.25 -2.66
CA ASN D 202 1.38 7.16 -1.53
C ASN D 202 1.34 5.73 -0.96
N THR D 203 1.24 4.76 -1.86
CA THR D 203 1.17 3.32 -1.56
C THR D 203 2.52 2.64 -1.90
N LYS D 204 2.96 1.78 -0.98
CA LYS D 204 4.13 0.90 -1.22
C LYS D 204 3.69 -0.53 -0.93
N VAL D 205 4.01 -1.46 -1.83
CA VAL D 205 3.74 -2.89 -1.60
C VAL D 205 5.07 -3.66 -1.74
N ASP D 206 5.40 -4.49 -0.76
CA ASP D 206 6.55 -5.45 -0.83
C ASP D 206 5.95 -6.84 -1.06
N LYS D 207 6.47 -7.58 -1.98
CA LYS D 207 6.03 -8.98 -2.12
CA LYS D 207 6.02 -8.98 -2.15
C LYS D 207 7.30 -9.83 -2.22
N THR D 208 7.45 -10.71 -1.24
CA THR D 208 8.54 -11.69 -1.19
C THR D 208 8.11 -12.90 -2.01
N VAL D 209 8.92 -13.26 -3.01
CA VAL D 209 8.59 -14.33 -3.97
C VAL D 209 9.65 -15.42 -3.81
N ALA D 210 9.20 -16.65 -3.62
CA ALA D 210 10.05 -17.86 -3.61
C ALA D 210 9.43 -18.87 -4.58
N PRO D 211 10.24 -19.76 -5.14
CA PRO D 211 9.75 -20.90 -5.94
C PRO D 211 8.51 -21.59 -5.36
N LEU E 2 3.00 25.64 -40.15
CA LEU E 2 4.31 24.91 -40.30
C LEU E 2 4.07 23.41 -40.08
N VAL E 3 4.36 22.59 -41.07
CA VAL E 3 4.26 21.12 -40.95
C VAL E 3 5.62 20.52 -41.28
N LEU E 4 6.16 19.76 -40.33
CA LEU E 4 7.45 19.03 -40.50
C LEU E 4 7.13 17.54 -40.67
N THR E 5 7.62 16.94 -41.77
CA THR E 5 7.29 15.55 -42.17
C THR E 5 8.60 14.74 -42.25
N GLN E 6 8.65 13.62 -41.55
CA GLN E 6 9.88 12.80 -41.38
C GLN E 6 9.71 11.47 -42.14
N THR E 7 10.85 10.84 -42.42
CA THR E 7 10.88 9.45 -42.94
C THR E 7 9.95 8.58 -42.10
N PRO E 8 9.04 7.81 -42.74
CA PRO E 8 8.19 6.87 -42.02
C PRO E 8 8.97 5.83 -41.20
N SER E 9 8.40 5.50 -40.04
CA SER E 9 8.88 4.46 -39.12
C SER E 9 8.49 3.09 -39.67
N PRO E 10 9.29 2.04 -39.45
CA PRO E 10 10.60 2.15 -38.81
C PRO E 10 11.68 2.28 -39.87
N VAL E 11 12.83 2.79 -39.50
CA VAL E 11 14.06 2.71 -40.31
C VAL E 11 14.96 1.70 -39.62
N SER E 12 15.44 0.72 -40.38
CA SER E 12 16.15 -0.42 -39.76
C SER E 12 17.51 -0.48 -40.38
N ALA E 13 18.53 -0.72 -39.56
CA ALA E 13 19.91 -0.78 -40.05
C ALA E 13 20.69 -1.78 -39.21
N ALA E 14 21.54 -2.57 -39.88
CA ALA E 14 22.57 -3.43 -39.27
C ALA E 14 23.55 -2.57 -38.43
N VAL E 15 24.01 -3.11 -37.31
CA VAL E 15 25.14 -2.48 -36.54
C VAL E 15 26.24 -2.16 -37.54
N GLY E 16 26.78 -0.94 -37.45
CA GLY E 16 27.91 -0.49 -38.30
C GLY E 16 27.42 0.03 -39.64
N GLY E 17 26.13 -0.10 -39.93
CA GLY E 17 25.48 0.43 -41.14
C GLY E 17 25.10 1.91 -41.01
N ALA E 18 24.25 2.35 -41.93
CA ALA E 18 23.86 3.77 -42.11
C ALA E 18 22.37 3.95 -41.88
N VAL E 19 22.06 5.05 -41.21
CA VAL E 19 20.67 5.49 -41.00
C VAL E 19 20.60 6.90 -41.55
N SER E 20 19.56 7.12 -42.34
CA SER E 20 19.20 8.38 -43.00
C SER E 20 17.78 8.71 -42.59
N ILE E 21 17.57 9.88 -41.98
CA ILE E 21 16.21 10.36 -41.64
C ILE E 21 16.07 11.74 -42.25
N SER E 22 15.05 11.89 -43.10
CA SER E 22 14.61 13.15 -43.74
C SER E 22 13.63 13.88 -42.82
N CYS E 23 13.76 15.19 -42.83
CA CYS E 23 12.80 16.13 -42.22
C CYS E 23 12.55 17.20 -43.28
N GLN E 24 11.32 17.24 -43.80
CA GLN E 24 10.87 18.27 -44.77
C GLN E 24 9.90 19.26 -44.12
N SER E 25 10.16 20.56 -44.23
CA SER E 25 9.24 21.60 -43.72
C SER E 25 8.33 22.08 -44.85
N SER E 26 7.08 22.36 -44.53
CA SER E 26 6.06 22.96 -45.45
C SER E 26 6.49 24.38 -45.82
N GLN E 27 7.33 25.01 -44.99
CA GLN E 27 7.81 26.39 -45.16
C GLN E 27 9.30 26.47 -44.85
N ASN E 28 9.99 27.47 -45.40
CA ASN E 28 11.43 27.68 -45.12
C ASN E 28 11.59 27.88 -43.63
N ILE E 29 12.59 27.21 -43.07
CA ILE E 29 12.89 27.32 -41.62
C ILE E 29 13.58 28.66 -41.39
N TYR E 30 13.34 29.23 -40.20
CA TYR E 30 13.97 30.46 -39.67
C TYR E 30 15.50 30.44 -39.84
N LYS E 31 16.05 31.54 -40.37
CA LYS E 31 17.52 31.72 -40.63
C LYS E 31 18.02 30.62 -41.60
N ASP E 32 17.06 29.98 -42.30
CA ASP E 32 17.25 28.88 -43.29
C ASP E 32 17.67 27.58 -42.61
N ASN E 33 18.12 27.60 -41.35
CA ASN E 33 18.80 26.40 -40.81
C ASN E 33 18.56 26.20 -39.31
N GLU E 34 17.63 26.94 -38.69
CA GLU E 34 17.36 26.78 -37.22
C GLU E 34 16.47 25.56 -36.98
N LEU E 35 17.00 24.39 -37.36
CA LEU E 35 16.32 23.09 -37.22
C LEU E 35 17.20 22.25 -36.32
N SER E 36 16.59 21.56 -35.39
CA SER E 36 17.34 20.75 -34.41
C SER E 36 16.79 19.32 -34.37
N TRP E 37 17.64 18.42 -33.92
CA TRP E 37 17.41 16.94 -33.94
C TRP E 37 17.50 16.43 -32.52
N TYR E 38 16.57 15.53 -32.19
CA TYR E 38 16.44 14.95 -30.84
C TYR E 38 16.43 13.43 -30.92
N GLN E 39 17.08 12.82 -29.96
CA GLN E 39 16.98 11.34 -29.69
C GLN E 39 16.14 11.08 -28.44
N GLN E 40 15.13 10.23 -28.55
CA GLN E 40 14.33 9.80 -27.39
C GLN E 40 14.29 8.27 -27.34
N LYS E 41 14.82 7.72 -26.26
CA LYS E 41 14.60 6.31 -25.85
C LYS E 41 13.33 6.19 -25.03
N PRO E 42 12.63 5.04 -25.08
CA PRO E 42 11.37 4.88 -24.33
C PRO E 42 11.53 5.14 -22.82
N GLY E 43 10.63 5.95 -22.27
CA GLY E 43 10.54 6.24 -20.83
C GLY E 43 11.52 7.31 -20.40
N GLN E 44 12.32 7.88 -21.32
CA GLN E 44 13.34 8.90 -20.96
C GLN E 44 12.97 10.22 -21.62
N PRO E 45 13.48 11.34 -21.12
CA PRO E 45 13.31 12.61 -21.84
C PRO E 45 14.05 12.56 -23.17
N PRO E 46 13.68 13.43 -24.13
CA PRO E 46 14.47 13.61 -25.32
C PRO E 46 15.83 14.20 -24.92
N LYS E 47 16.80 14.03 -25.81
CA LYS E 47 18.16 14.57 -25.70
C LYS E 47 18.46 15.32 -27.01
N LEU E 48 18.88 16.57 -26.90
CA LEU E 48 19.32 17.34 -28.08
C LEU E 48 20.56 16.68 -28.69
N LEU E 49 20.55 16.46 -30.01
CA LEU E 49 21.73 15.88 -30.70
C LEU E 49 22.43 16.99 -31.47
N ILE E 50 21.66 17.68 -32.31
CA ILE E 50 22.13 18.64 -33.34
C ILE E 50 21.19 19.87 -33.30
N TYR E 51 21.77 21.06 -33.38
CA TYR E 51 21.02 22.32 -33.58
C TYR E 51 21.63 23.07 -34.76
N LYS E 52 20.89 24.06 -35.28
CA LYS E 52 21.26 24.81 -36.51
C LYS E 52 21.68 23.80 -37.62
N ALA E 53 20.89 22.72 -37.78
CA ALA E 53 20.93 21.76 -38.91
C ALA E 53 22.09 20.76 -38.77
N SER E 54 23.28 21.25 -38.37
CA SER E 54 24.54 20.45 -38.46
C SER E 54 25.50 20.62 -37.27
N THR E 55 25.22 21.43 -36.26
CA THR E 55 26.13 21.54 -35.07
C THR E 55 25.75 20.50 -34.01
N LEU E 56 26.69 19.60 -33.68
CA LEU E 56 26.57 18.60 -32.58
C LEU E 56 26.51 19.37 -31.26
N ALA E 57 25.57 18.98 -30.39
CA ALA E 57 25.56 19.40 -28.97
C ALA E 57 26.74 18.73 -28.25
N SER E 58 27.13 19.29 -27.10
CA SER E 58 28.25 18.79 -26.27
C SER E 58 28.07 17.29 -25.96
N GLY E 59 29.09 16.47 -26.21
CA GLY E 59 29.09 15.06 -25.75
C GLY E 59 28.39 14.11 -26.72
N VAL E 60 27.83 14.61 -27.81
CA VAL E 60 27.20 13.76 -28.87
C VAL E 60 28.31 13.11 -29.73
N PRO E 61 28.26 11.78 -29.95
CA PRO E 61 29.26 11.11 -30.78
C PRO E 61 29.26 11.55 -32.26
N SER E 62 30.45 11.59 -32.84
CA SER E 62 30.70 12.02 -34.23
C SER E 62 29.98 11.11 -35.24
N ARG E 63 29.40 9.95 -34.86
CA ARG E 63 28.71 9.13 -35.89
C ARG E 63 27.40 9.82 -36.31
N PHE E 64 26.98 10.83 -35.55
CA PHE E 64 25.81 11.69 -35.83
C PHE E 64 26.31 12.92 -36.59
N SER E 65 25.62 13.20 -37.70
CA SER E 65 25.82 14.41 -38.50
C SER E 65 24.44 14.82 -39.04
N GLY E 66 24.33 16.09 -39.37
CA GLY E 66 23.10 16.65 -39.93
C GLY E 66 23.46 17.62 -41.03
N SER E 67 22.53 17.77 -41.97
CA SER E 67 22.70 18.66 -43.14
C SER E 67 21.34 19.21 -43.54
N GLY E 68 21.34 20.11 -44.51
CA GLY E 68 20.09 20.68 -45.03
C GLY E 68 20.03 22.18 -44.75
N SER E 69 19.13 22.84 -45.46
CA SER E 69 18.70 24.22 -45.20
C SER E 69 17.36 24.40 -45.93
N GLY E 70 16.67 25.49 -45.64
CA GLY E 70 15.44 25.88 -46.34
C GLY E 70 14.31 24.99 -45.89
N THR E 71 14.00 23.95 -46.66
CA THR E 71 12.87 23.04 -46.34
C THR E 71 13.32 21.59 -46.23
N GLN E 72 14.60 21.28 -46.40
CA GLN E 72 15.04 19.87 -46.52
C GLN E 72 16.25 19.63 -45.62
N PHE E 73 16.09 18.73 -44.64
CA PHE E 73 17.09 18.36 -43.62
C PHE E 73 17.24 16.83 -43.55
N THR E 74 18.43 16.41 -43.14
CA THR E 74 18.81 14.99 -43.07
C THR E 74 19.66 14.80 -41.82
N LEU E 75 19.24 13.85 -40.97
CA LEU E 75 20.07 13.32 -39.90
C LEU E 75 20.66 12.01 -40.40
N THR E 76 21.95 11.81 -40.16
CA THR E 76 22.68 10.62 -40.64
C THR E 76 23.39 9.99 -39.42
N ILE E 77 23.24 8.68 -39.27
CA ILE E 77 24.08 7.92 -38.32
C ILE E 77 24.97 7.02 -39.17
N SER E 78 26.27 7.26 -39.07
CA SER E 78 27.35 6.52 -39.78
C SER E 78 27.96 5.51 -38.80
N GLY E 79 27.74 4.20 -38.99
CA GLY E 79 28.25 3.19 -38.03
C GLY E 79 27.33 3.09 -36.84
N VAL E 80 26.05 2.89 -37.13
CA VAL E 80 24.95 2.84 -36.12
C VAL E 80 25.25 1.75 -35.10
N GLN E 81 24.96 2.02 -33.83
CA GLN E 81 25.31 1.12 -32.69
C GLN E 81 24.03 0.81 -31.91
N CYS E 82 24.04 -0.26 -31.10
CA CYS E 82 22.79 -0.71 -30.41
C CYS E 82 22.26 0.43 -29.52
N ASP E 83 23.16 1.20 -28.92
CA ASP E 83 22.85 2.37 -28.07
C ASP E 83 22.07 3.45 -28.84
N ASP E 84 22.04 3.40 -30.17
CA ASP E 84 21.39 4.45 -31.01
C ASP E 84 19.95 4.04 -31.30
N ALA E 85 19.53 2.86 -30.82
CA ALA E 85 18.14 2.43 -31.01
C ALA E 85 17.28 3.47 -30.27
N ALA E 86 16.31 4.10 -30.94
CA ALA E 86 15.58 5.29 -30.42
C ALA E 86 14.57 5.83 -31.45
N THR E 87 13.72 6.76 -31.01
CA THR E 87 12.92 7.61 -31.94
C THR E 87 13.59 8.97 -32.06
N TYR E 88 13.71 9.45 -33.31
CA TYR E 88 14.40 10.71 -33.71
C TYR E 88 13.34 11.69 -34.19
N TYR E 89 13.45 12.91 -33.69
CA TYR E 89 12.51 14.03 -33.94
C TYR E 89 13.31 15.21 -34.46
N CYS E 90 12.81 15.83 -35.51
CA CYS E 90 13.27 17.18 -35.89
C CYS E 90 12.32 18.23 -35.28
N GLN E 91 12.86 19.42 -35.06
CA GLN E 91 12.14 20.59 -34.50
C GLN E 91 12.62 21.85 -35.20
N GLY E 92 11.69 22.61 -35.75
CA GLY E 92 12.05 23.87 -36.40
C GLY E 92 11.06 24.98 -36.11
N SER E 93 11.45 26.19 -36.40
CA SER E 93 10.48 27.31 -36.36
C SER E 93 10.65 28.15 -37.62
N ARG E 94 9.60 28.87 -37.99
CA ARG E 94 9.61 29.94 -39.01
C ARG E 94 9.02 31.18 -38.34
N TYR E 95 9.54 32.36 -38.66
CA TYR E 95 9.04 33.62 -38.07
C TYR E 95 7.94 34.18 -38.98
N ASN E 96 6.69 34.12 -38.55
CA ASN E 96 5.57 34.93 -39.09
C ASN E 96 4.90 35.63 -37.92
N ASN E 97 5.26 36.91 -37.69
CA ASN E 97 4.85 37.73 -36.53
C ASN E 97 4.86 36.84 -35.27
N GLY E 98 6.03 36.30 -34.95
CA GLY E 98 6.24 35.34 -33.85
C GLY E 98 6.77 34.04 -34.39
N TRP E 99 7.09 33.09 -33.51
CA TRP E 99 7.75 31.81 -33.88
C TRP E 99 6.75 30.67 -33.94
N ASP E 100 6.26 30.37 -35.14
CA ASP E 100 5.42 29.18 -35.45
C ASP E 100 6.39 27.99 -35.44
N SER E 101 6.33 27.13 -34.41
CA SER E 101 7.27 25.99 -34.20
C SER E 101 6.54 24.67 -34.27
N GLY E 102 7.26 23.63 -34.69
CA GLY E 102 6.70 22.28 -34.82
C GLY E 102 7.78 21.26 -34.69
N PHE E 103 7.36 20.05 -34.37
CA PHE E 103 8.17 18.81 -34.42
C PHE E 103 7.67 17.97 -35.58
N GLY E 104 8.57 17.24 -36.23
CA GLY E 104 8.18 16.12 -37.10
C GLY E 104 7.54 15.02 -36.27
N GLY E 105 6.98 13.99 -36.94
CA GLY E 105 6.16 12.97 -36.27
C GLY E 105 7.00 11.93 -35.55
N GLY E 106 8.32 11.98 -35.73
CA GLY E 106 9.26 11.00 -35.15
C GLY E 106 9.52 9.88 -36.15
N THR E 107 10.77 9.44 -36.19
CA THR E 107 11.22 8.23 -36.93
C THR E 107 11.89 7.24 -35.96
N GLU E 108 11.31 6.06 -35.84
CA GLU E 108 11.88 4.99 -35.00
C GLU E 108 13.03 4.30 -35.75
N VAL E 109 14.22 4.21 -35.14
CA VAL E 109 15.37 3.45 -35.68
C VAL E 109 15.50 2.13 -34.93
N VAL E 110 15.42 1.04 -35.69
CA VAL E 110 15.60 -0.36 -35.19
C VAL E 110 17.01 -0.78 -35.59
N VAL E 111 17.86 -1.10 -34.62
CA VAL E 111 19.26 -1.52 -34.91
C VAL E 111 19.31 -3.05 -34.97
N LYS E 112 19.77 -3.62 -36.08
CA LYS E 112 19.82 -5.10 -36.20
C LYS E 112 21.16 -5.58 -35.66
N GLY E 113 21.12 -6.23 -34.49
CA GLY E 113 22.30 -6.79 -33.85
C GLY E 113 22.46 -8.27 -34.22
N ASP E 114 23.30 -8.97 -33.46
CA ASP E 114 23.50 -10.43 -33.56
C ASP E 114 22.16 -11.10 -33.24
N PRO E 115 21.66 -11.99 -34.12
CA PRO E 115 20.42 -12.71 -33.86
C PRO E 115 20.58 -13.63 -32.64
N VAL E 116 19.57 -13.63 -31.77
CA VAL E 116 19.50 -14.48 -30.55
C VAL E 116 18.06 -14.99 -30.48
N ALA E 117 17.89 -16.31 -30.37
CA ALA E 117 16.59 -16.96 -30.11
C ALA E 117 16.14 -16.68 -28.66
N PRO E 118 14.85 -16.49 -28.43
CA PRO E 118 14.33 -16.22 -27.09
C PRO E 118 14.40 -17.46 -26.19
N THR E 119 14.58 -17.24 -24.90
CA THR E 119 14.16 -18.25 -23.90
C THR E 119 12.79 -17.81 -23.43
N VAL E 120 11.97 -18.76 -23.06
CA VAL E 120 10.55 -18.47 -22.77
C VAL E 120 10.25 -19.00 -21.38
N LEU E 121 9.52 -18.22 -20.62
CA LEU E 121 9.04 -18.60 -19.29
C LEU E 121 7.53 -18.41 -19.27
N ILE E 122 6.84 -19.27 -18.54
CA ILE E 122 5.40 -19.12 -18.32
C ILE E 122 5.13 -19.17 -16.82
N PHE E 123 4.25 -18.30 -16.36
CA PHE E 123 3.92 -18.16 -14.92
C PHE E 123 2.44 -18.33 -14.69
N PRO E 124 2.06 -19.39 -13.96
CA PRO E 124 0.67 -19.62 -13.65
C PRO E 124 0.21 -18.53 -12.67
N PRO E 125 -1.09 -18.30 -12.57
CA PRO E 125 -1.62 -17.32 -11.62
C PRO E 125 -1.40 -17.86 -10.20
N SER E 126 -1.02 -16.98 -9.27
CA SER E 126 -1.04 -17.32 -7.83
C SER E 126 -2.45 -17.68 -7.37
N ALA E 127 -2.58 -18.48 -6.29
CA ALA E 127 -3.87 -18.81 -5.66
C ALA E 127 -4.65 -17.53 -5.33
N ASP E 128 -3.98 -16.50 -4.81
CA ASP E 128 -4.72 -15.26 -4.38
C ASP E 128 -5.19 -14.50 -5.64
N LEU E 129 -4.48 -14.63 -6.75
CA LEU E 129 -4.92 -14.00 -8.02
C LEU E 129 -6.19 -14.73 -8.52
N VAL E 130 -6.17 -16.04 -8.53
CA VAL E 130 -7.35 -16.80 -8.97
C VAL E 130 -8.55 -16.39 -8.09
N ALA E 131 -8.31 -16.22 -6.78
CA ALA E 131 -9.38 -15.92 -5.80
C ALA E 131 -10.04 -14.56 -6.13
N THR E 132 -9.41 -13.68 -6.90
CA THR E 132 -9.97 -12.36 -7.28
C THR E 132 -11.16 -12.50 -8.26
N GLY E 133 -11.23 -13.60 -9.00
CA GLY E 133 -12.25 -13.85 -10.01
C GLY E 133 -11.71 -13.57 -11.40
N THR E 134 -10.53 -12.95 -11.51
CA THR E 134 -9.90 -12.66 -12.81
C THR E 134 -8.47 -13.20 -12.79
N VAL E 135 -8.17 -14.06 -13.72
CA VAL E 135 -6.83 -14.69 -13.83
C VAL E 135 -6.01 -13.96 -14.89
N THR E 136 -4.73 -13.74 -14.58
CA THR E 136 -3.72 -13.26 -15.52
C THR E 136 -2.59 -14.29 -15.57
N ILE E 137 -2.27 -14.75 -16.75
CA ILE E 137 -1.17 -15.72 -17.00
C ILE E 137 -0.08 -14.96 -17.72
N VAL E 138 1.15 -15.03 -17.24
CA VAL E 138 2.24 -14.20 -17.80
C VAL E 138 3.20 -15.15 -18.54
N CYS E 139 3.56 -14.75 -19.76
CA CYS E 139 4.62 -15.40 -20.56
C CYS E 139 5.68 -14.35 -20.86
N VAL E 140 6.96 -14.71 -20.71
CA VAL E 140 8.04 -13.78 -21.07
CA VAL E 140 8.12 -13.81 -20.98
C VAL E 140 8.95 -14.46 -22.08
N ALA E 141 9.38 -13.68 -23.05
CA ALA E 141 10.42 -14.08 -24.05
C ALA E 141 11.62 -13.19 -23.74
N ASN E 142 12.69 -13.79 -23.25
CA ASN E 142 13.82 -12.95 -22.81
CA ASN E 142 13.92 -13.17 -22.74
C ASN E 142 14.95 -13.00 -23.87
N LYS E 143 15.56 -11.82 -23.97
CA LYS E 143 16.85 -11.59 -24.66
C LYS E 143 16.84 -12.19 -26.07
N TYR E 144 16.17 -11.52 -26.98
CA TYR E 144 16.00 -12.03 -28.35
C TYR E 144 16.16 -10.92 -29.37
N PHE E 145 16.52 -11.35 -30.58
CA PHE E 145 16.51 -10.46 -31.79
C PHE E 145 16.61 -11.37 -33.02
N PRO E 146 15.82 -11.20 -34.10
CA PRO E 146 14.82 -10.14 -34.28
C PRO E 146 13.46 -10.40 -33.60
N ASP E 147 12.48 -9.57 -33.94
CA ASP E 147 11.14 -9.61 -33.31
C ASP E 147 10.52 -11.01 -33.40
N VAL E 148 9.65 -11.29 -32.43
CA VAL E 148 8.89 -12.55 -32.27
C VAL E 148 7.42 -12.25 -32.40
N THR E 149 6.63 -13.29 -32.62
CA THR E 149 5.17 -13.29 -32.47
C THR E 149 4.88 -14.27 -31.35
N VAL E 150 3.76 -14.05 -30.68
CA VAL E 150 3.35 -14.89 -29.54
C VAL E 150 2.00 -15.46 -29.86
N THR E 151 1.84 -16.75 -29.62
CA THR E 151 0.55 -17.43 -29.70
C THR E 151 0.24 -18.03 -28.33
N TRP E 152 -1.00 -17.90 -27.90
CA TRP E 152 -1.50 -18.58 -26.69
C TRP E 152 -2.41 -19.74 -27.12
N GLU E 153 -2.28 -20.89 -26.48
CA GLU E 153 -3.20 -22.01 -26.68
C GLU E 153 -3.75 -22.42 -25.34
N VAL E 154 -5.04 -22.65 -25.27
CA VAL E 154 -5.61 -23.27 -24.07
C VAL E 154 -6.32 -24.56 -24.44
N ASP E 155 -5.87 -25.64 -23.82
CA ASP E 155 -6.25 -27.01 -24.29
C ASP E 155 -6.17 -27.11 -25.82
N GLY E 156 -5.13 -26.55 -26.45
CA GLY E 156 -4.81 -26.72 -27.87
C GLY E 156 -5.50 -25.69 -28.76
N THR E 157 -6.39 -24.85 -28.20
CA THR E 157 -7.16 -23.84 -28.99
C THR E 157 -6.39 -22.53 -28.98
N THR E 158 -6.11 -21.97 -30.14
CA THR E 158 -5.48 -20.64 -30.26
C THR E 158 -6.43 -19.59 -29.64
N GLN E 159 -5.91 -18.78 -28.73
CA GLN E 159 -6.64 -17.65 -28.09
C GLN E 159 -6.57 -16.46 -29.03
N THR E 160 -7.67 -15.76 -29.21
CA THR E 160 -7.73 -14.58 -30.11
C THR E 160 -8.13 -13.33 -29.34
N THR E 161 -8.51 -13.47 -28.07
CA THR E 161 -8.86 -12.30 -27.23
C THR E 161 -8.19 -12.45 -25.83
N GLY E 162 -8.11 -11.34 -25.13
CA GLY E 162 -7.59 -11.27 -23.75
C GLY E 162 -6.07 -11.29 -23.71
N ILE E 163 -5.39 -10.94 -24.82
CA ILE E 163 -3.90 -10.94 -24.88
C ILE E 163 -3.33 -9.53 -24.97
N GLU E 164 -2.33 -9.24 -24.15
CA GLU E 164 -1.60 -7.96 -24.17
C GLU E 164 -0.10 -8.24 -24.17
N ASN E 165 0.61 -7.59 -25.07
CA ASN E 165 2.07 -7.74 -25.24
C ASN E 165 2.74 -6.44 -24.86
N SER E 166 3.93 -6.53 -24.30
CA SER E 166 4.71 -5.34 -23.88
C SER E 166 6.19 -5.64 -24.05
N LYS E 167 6.81 -4.84 -24.94
CA LYS E 167 8.22 -5.09 -25.36
C LYS E 167 9.14 -4.07 -24.72
N THR E 168 10.27 -4.48 -24.20
CA THR E 168 11.27 -3.55 -23.64
C THR E 168 11.92 -2.85 -24.81
N PRO E 169 12.64 -1.74 -24.55
CA PRO E 169 13.44 -1.13 -25.62
C PRO E 169 14.59 -2.09 -25.97
N GLN E 170 15.22 -1.88 -27.11
CA GLN E 170 16.42 -2.65 -27.48
C GLN E 170 17.49 -2.40 -26.45
N ASN E 171 18.18 -3.45 -26.04
CA ASN E 171 19.29 -3.37 -25.06
C ASN E 171 20.40 -2.53 -25.71
N SER E 172 20.99 -1.61 -24.93
CA SER E 172 21.98 -0.65 -25.47
C SER E 172 23.30 -1.33 -25.81
N ALA E 173 23.55 -2.54 -25.28
CA ALA E 173 24.79 -3.29 -25.52
C ALA E 173 24.60 -4.28 -26.68
N ASP E 174 23.46 -4.98 -26.80
CA ASP E 174 23.38 -6.20 -27.65
C ASP E 174 22.14 -6.15 -28.52
N CYS E 175 21.36 -5.06 -28.48
CA CYS E 175 20.22 -4.82 -29.39
C CYS E 175 19.02 -5.72 -29.07
N THR E 176 19.11 -6.56 -28.04
CA THR E 176 18.06 -7.59 -27.81
C THR E 176 16.85 -6.93 -27.14
N TYR E 177 15.70 -7.52 -27.40
CA TYR E 177 14.40 -7.20 -26.77
C TYR E 177 14.13 -8.22 -25.65
N ASN E 178 13.17 -7.84 -24.83
CA ASN E 178 12.42 -8.73 -23.93
C ASN E 178 10.95 -8.44 -24.14
N LEU E 179 10.12 -9.45 -23.97
CA LEU E 179 8.68 -9.28 -24.20
C LEU E 179 7.91 -10.00 -23.08
N SER E 180 6.87 -9.32 -22.60
CA SER E 180 5.83 -9.92 -21.75
C SER E 180 4.56 -10.06 -22.57
N SER E 181 3.89 -11.20 -22.47
CA SER E 181 2.59 -11.46 -23.10
C SER E 181 1.67 -12.00 -22.02
N THR E 182 0.51 -11.41 -21.86
CA THR E 182 -0.40 -11.80 -20.75
C THR E 182 -1.73 -12.24 -21.34
N LEU E 183 -2.25 -13.32 -20.82
CA LEU E 183 -3.60 -13.80 -21.15
C LEU E 183 -4.47 -13.60 -19.92
N THR E 184 -5.56 -12.89 -20.09
CA THR E 184 -6.52 -12.61 -19.01
C THR E 184 -7.78 -13.43 -19.28
N LEU E 185 -8.24 -14.20 -18.30
CA LEU E 185 -9.50 -15.01 -18.39
C LEU E 185 -10.25 -14.84 -17.08
N THR E 186 -11.54 -15.14 -17.03
CA THR E 186 -12.22 -15.26 -15.72
C THR E 186 -11.67 -16.50 -14.99
N SER E 187 -11.80 -16.49 -13.67
CA SER E 187 -11.44 -17.66 -12.86
C SER E 187 -12.30 -18.85 -13.28
N THR E 188 -13.59 -18.62 -13.60
CA THR E 188 -14.47 -19.69 -14.09
C THR E 188 -13.85 -20.34 -15.33
N GLN E 189 -13.42 -19.54 -16.30
CA GLN E 189 -12.79 -20.01 -17.56
C GLN E 189 -11.48 -20.73 -17.24
N TYR E 190 -10.65 -20.15 -16.37
CA TYR E 190 -9.34 -20.73 -16.04
C TYR E 190 -9.55 -22.10 -15.41
N ASN E 191 -10.55 -22.23 -14.52
CA ASN E 191 -10.81 -23.54 -13.84
C ASN E 191 -11.52 -24.55 -14.76
N SER E 192 -11.91 -24.19 -15.97
CA SER E 192 -12.64 -25.08 -16.93
CA SER E 192 -12.64 -25.08 -16.93
C SER E 192 -11.66 -25.69 -17.94
N HIS E 193 -10.39 -25.37 -17.81
CA HIS E 193 -9.35 -25.81 -18.78
C HIS E 193 -8.10 -26.28 -18.06
N LYS E 194 -7.26 -27.03 -18.75
CA LYS E 194 -6.12 -27.71 -18.10
C LYS E 194 -4.80 -27.15 -18.64
N GLU E 195 -4.60 -27.18 -19.96
CA GLU E 195 -3.26 -26.97 -20.53
C GLU E 195 -3.18 -25.52 -21.01
N TYR E 196 -2.22 -24.80 -20.49
CA TYR E 196 -1.94 -23.39 -20.84
C TYR E 196 -0.59 -23.35 -21.55
N THR E 197 -0.58 -22.77 -22.76
CA THR E 197 0.61 -22.82 -23.63
C THR E 197 0.93 -21.42 -24.15
N CYS E 198 2.19 -21.03 -24.06
CA CYS E 198 2.76 -19.83 -24.71
C CYS E 198 3.76 -20.31 -25.75
N LYS E 199 3.50 -19.99 -27.03
CA LYS E 199 4.40 -20.30 -28.14
C LYS E 199 4.98 -19.00 -28.70
N VAL E 200 6.28 -18.87 -28.67
CA VAL E 200 7.01 -17.70 -29.17
C VAL E 200 7.72 -18.12 -30.45
N THR E 201 7.38 -17.43 -31.54
CA THR E 201 7.85 -17.76 -32.88
C THR E 201 8.78 -16.64 -33.34
N GLN E 202 9.96 -17.03 -33.75
CA GLN E 202 11.00 -16.16 -34.34
C GLN E 202 11.35 -16.73 -35.71
N GLY E 203 10.76 -16.15 -36.76
CA GLY E 203 10.94 -16.68 -38.13
C GLY E 203 10.43 -18.10 -38.23
N THR E 204 11.34 -19.07 -38.48
CA THR E 204 10.97 -20.49 -38.68
C THR E 204 11.21 -21.31 -37.38
N THR E 205 11.57 -20.65 -36.29
CA THR E 205 11.83 -21.30 -34.99
C THR E 205 10.72 -20.96 -34.00
N SER E 206 10.24 -21.93 -33.22
CA SER E 206 9.35 -21.66 -32.09
C SER E 206 9.91 -22.31 -30.82
N VAL E 207 9.69 -21.61 -29.74
CA VAL E 207 9.94 -22.10 -28.38
C VAL E 207 8.62 -22.05 -27.66
N VAL E 208 8.23 -23.16 -27.08
CA VAL E 208 6.89 -23.32 -26.45
C VAL E 208 7.07 -23.71 -24.98
N GLN E 209 6.41 -22.98 -24.08
CA GLN E 209 6.33 -23.39 -22.67
C GLN E 209 4.87 -23.58 -22.31
N SER E 210 4.58 -24.58 -21.45
CA SER E 210 3.21 -24.91 -21.04
CA SER E 210 3.20 -24.92 -21.04
C SER E 210 3.20 -25.26 -19.55
N PHE E 211 2.01 -25.23 -18.94
CA PHE E 211 1.78 -25.79 -17.61
C PHE E 211 0.38 -26.35 -17.65
N ASN E 212 0.14 -27.28 -16.71
CA ASN E 212 -1.18 -27.93 -16.53
C ASN E 212 -1.74 -27.40 -15.21
N ARG E 213 -2.89 -26.74 -15.28
CA ARG E 213 -3.54 -26.18 -14.07
C ARG E 213 -3.72 -27.36 -13.11
N GLY E 214 -3.35 -27.26 -11.87
CA GLY E 214 -3.62 -28.48 -11.07
C GLY E 214 -2.37 -29.27 -10.84
N ASP E 215 -1.41 -29.27 -11.78
CA ASP E 215 0.00 -29.62 -11.47
C ASP E 215 0.70 -28.47 -10.74
N CYS E 216 0.19 -27.22 -10.82
CA CYS E 216 0.86 -26.03 -10.24
C CYS E 216 -0.01 -25.46 -9.10
N GLU F 5 17.55 42.84 -27.22
CA GLU F 5 16.98 41.46 -27.44
C GLU F 5 15.46 41.60 -27.53
N LYS F 6 14.95 42.32 -28.55
CA LYS F 6 13.53 42.75 -28.65
C LYS F 6 12.60 41.53 -28.53
N PHE F 7 12.96 40.38 -29.15
CA PHE F 7 12.18 39.12 -29.18
C PHE F 7 12.28 38.37 -27.84
N GLY F 8 13.31 38.66 -27.03
CA GLY F 8 13.49 38.03 -25.71
C GLY F 8 13.95 36.58 -25.81
N M3L F 9 14.76 36.30 -26.86
CA M3L F 9 15.16 34.94 -27.18
CB M3L F 9 15.50 34.81 -28.66
CG M3L F 9 14.27 34.78 -29.57
CD M3L F 9 13.40 33.52 -29.45
CE M3L F 9 14.07 32.35 -30.15
NZ M3L F 9 13.49 30.98 -29.82
C M3L F 9 16.31 34.44 -26.31
O M3L F 9 16.67 33.26 -26.40
CM1 M3L F 9 13.87 30.61 -28.45
CM2 M3L F 9 14.07 29.95 -30.75
CM3 M3L F 9 12.02 30.94 -29.97
N GLY F 10 16.86 35.30 -25.47
CA GLY F 10 17.88 34.85 -24.54
C GLY F 10 19.19 34.45 -25.24
N GLY F 11 20.03 33.68 -24.54
CA GLY F 11 21.35 33.18 -24.95
C GLY F 11 21.28 32.05 -25.99
N THR F 12 22.36 31.94 -26.74
CA THR F 12 22.62 30.85 -27.71
C THR F 12 23.32 29.68 -27.02
N TYR F 13 23.25 28.52 -27.66
CA TYR F 13 23.91 27.29 -27.15
C TYR F 13 25.37 27.66 -26.90
N PRO F 14 25.91 27.37 -25.68
CA PRO F 14 27.22 27.90 -25.29
C PRO F 14 28.38 27.04 -25.83
CA CA G . -15.42 -19.02 29.34
CL CL H . -11.53 -21.75 30.06
C1 GOL I . 1.66 4.61 37.51
O1 GOL I . 0.43 4.77 38.21
C2 GOL I . 2.68 5.62 37.96
O2 GOL I . 3.22 6.30 36.82
C3 GOL I . 3.80 5.00 38.75
O3 GOL I . 4.47 6.00 39.53
CA CA J . 1.97 16.13 -34.70
CL CL K . 4.33 20.21 -32.86
CL CL L . -5.48 -4.19 -14.52
CL CL M . -3.77 11.33 -9.20
#